data_1H5P
#
_entry.id   1H5P
#
_cell.length_a   1.000
_cell.length_b   1.000
_cell.length_c   1.000
_cell.angle_alpha   90.00
_cell.angle_beta   90.00
_cell.angle_gamma   90.00
#
_symmetry.space_group_name_H-M   'P 1'
#
_entity_poly.entity_id   1
_entity_poly.type   'polypeptide(L)'
_entity_poly.pdbx_seq_one_letter_code
;MDENINFKQSELPVTCGEVKGTLYKERFKQGTSKKCIQSEDKKWFTPREFEIEGDRGASKNWKLSIRCGGYTLKVLMENK
FLPEPPSTRKKVTIK
;
_entity_poly.pdbx_strand_id   A
#
# COMPACT_ATOMS: atom_id res chain seq x y z
N MET A 1 12.21 -11.46 -3.87
CA MET A 1 13.34 -10.88 -4.65
C MET A 1 13.25 -9.36 -4.70
N ASP A 2 12.03 -8.84 -4.56
CA ASP A 2 11.80 -7.40 -4.59
C ASP A 2 12.24 -6.81 -5.93
N GLU A 3 12.05 -5.50 -6.07
CA GLU A 3 12.43 -4.81 -7.30
C GLU A 3 13.28 -3.58 -7.00
N ASN A 4 12.65 -2.41 -6.96
CA ASN A 4 13.34 -1.17 -6.69
C ASN A 4 12.85 -0.51 -5.41
N ILE A 5 11.70 -0.98 -4.92
CA ILE A 5 11.12 -0.44 -3.69
C ILE A 5 11.50 -1.28 -2.48
N ASN A 6 12.56 -0.88 -1.80
CA ASN A 6 13.03 -1.59 -0.61
C ASN A 6 12.30 -1.10 0.63
N PHE A 7 11.69 -2.03 1.35
CA PHE A 7 10.94 -1.70 2.55
C PHE A 7 11.83 -1.72 3.78
N LYS A 8 13.11 -2.06 3.58
CA LYS A 8 14.07 -2.11 4.67
C LYS A 8 14.44 -0.72 5.16
N GLN A 9 13.86 0.30 4.54
CA GLN A 9 14.14 1.69 4.92
C GLN A 9 13.17 2.17 6.00
N SER A 10 12.33 1.25 6.48
CA SER A 10 11.34 1.57 7.52
C SER A 10 10.24 2.49 6.99
N GLU A 11 10.49 3.12 5.85
CA GLU A 11 9.51 4.03 5.24
C GLU A 11 9.32 3.72 3.76
N LEU A 12 8.10 3.34 3.39
CA LEU A 12 7.79 3.00 2.01
C LEU A 12 6.92 4.09 1.37
N PRO A 13 7.35 4.63 0.21
CA PRO A 13 6.60 5.67 -0.49
C PRO A 13 5.30 5.15 -1.10
N VAL A 14 4.19 5.79 -0.75
CA VAL A 14 2.89 5.39 -1.26
C VAL A 14 2.26 6.53 -2.06
N THR A 15 1.35 6.19 -2.97
CA THR A 15 0.69 7.19 -3.79
C THR A 15 -0.74 6.80 -4.12
N CYS A 16 -1.70 7.40 -3.44
CA CYS A 16 -3.11 7.11 -3.68
C CYS A 16 -3.75 8.23 -4.47
N GLY A 17 -3.91 8.02 -5.77
CA GLY A 17 -4.51 9.03 -6.63
C GLY A 17 -3.78 10.37 -6.52
N GLU A 18 -2.48 10.34 -6.78
CA GLU A 18 -1.64 11.54 -6.71
C GLU A 18 -1.44 11.98 -5.26
N VAL A 19 -2.12 11.29 -4.35
CA VAL A 19 -2.01 11.61 -2.93
C VAL A 19 -0.89 10.81 -2.28
N LYS A 20 0.34 11.23 -2.53
CA LYS A 20 1.51 10.56 -1.99
C LYS A 20 1.46 10.49 -0.47
N GLY A 21 2.32 9.67 0.12
CA GLY A 21 2.36 9.52 1.56
C GLY A 21 3.53 8.69 2.03
N THR A 22 3.74 8.66 3.34
CA THR A 22 4.83 7.89 3.92
C THR A 22 4.30 6.70 4.72
N LEU A 23 4.65 5.50 4.27
CA LEU A 23 4.20 4.27 4.92
C LEU A 23 5.19 3.81 5.99
N TYR A 24 4.67 3.52 7.18
CA TYR A 24 5.49 3.06 8.30
C TYR A 24 5.48 1.54 8.41
N LYS A 25 6.66 0.93 8.44
CA LYS A 25 6.76 -0.52 8.54
C LYS A 25 6.27 -1.03 9.89
N GLU A 26 6.46 -0.21 10.93
CA GLU A 26 6.05 -0.59 12.28
C GLU A 26 4.56 -0.94 12.32
N ARG A 27 3.81 -0.48 11.32
CA ARG A 27 2.38 -0.75 11.24
C ARG A 27 2.04 -1.50 9.96
N PHE A 28 2.93 -1.39 8.97
CA PHE A 28 2.73 -2.05 7.68
C PHE A 28 2.48 -3.55 7.84
N LYS A 29 2.95 -4.10 8.96
CA LYS A 29 2.78 -5.52 9.25
C LYS A 29 1.30 -5.90 9.30
N GLN A 30 0.44 -4.90 9.39
CA GLN A 30 -1.01 -5.13 9.45
C GLN A 30 -1.70 -4.54 8.22
N GLY A 31 -1.00 -3.69 7.50
CA GLY A 31 -1.56 -3.07 6.31
C GLY A 31 -2.82 -2.28 6.59
N THR A 32 -3.94 -2.70 6.00
CA THR A 32 -5.22 -2.03 6.18
C THR A 32 -5.75 -2.15 7.60
N SER A 33 -4.94 -2.70 8.51
CA SER A 33 -5.35 -2.85 9.89
C SER A 33 -4.62 -1.87 10.81
N LYS A 34 -3.77 -1.03 10.22
CA LYS A 34 -3.02 -0.03 10.98
C LYS A 34 -2.60 1.13 10.09
N LYS A 35 -3.01 2.33 10.46
CA LYS A 35 -2.69 3.54 9.70
C LYS A 35 -1.19 3.85 9.81
N CYS A 36 -0.46 3.64 8.71
CA CYS A 36 0.97 3.90 8.69
C CYS A 36 1.34 4.91 7.59
N ILE A 37 0.32 5.43 6.89
CA ILE A 37 0.56 6.38 5.82
C ILE A 37 0.32 7.81 6.30
N GLN A 38 1.39 8.59 6.40
CA GLN A 38 1.30 9.97 6.86
C GLN A 38 1.15 10.93 5.68
N SER A 39 0.06 11.68 5.66
CA SER A 39 -0.20 12.64 4.60
C SER A 39 0.34 14.02 4.97
N GLU A 40 0.34 14.93 4.00
CA GLU A 40 0.85 16.28 4.21
C GLU A 40 0.10 16.98 5.35
N ASP A 41 -1.04 16.42 5.74
CA ASP A 41 -1.85 17.00 6.81
C ASP A 41 -1.33 16.55 8.17
N LYS A 42 -0.10 16.03 8.19
CA LYS A 42 0.51 15.56 9.43
C LYS A 42 -0.43 14.60 10.16
N LYS A 43 -0.94 13.61 9.42
CA LYS A 43 -1.86 12.64 9.99
C LYS A 43 -1.75 11.29 9.28
N TRP A 44 -1.94 10.21 10.02
CA TRP A 44 -1.84 8.87 9.45
C TRP A 44 -3.21 8.34 9.02
N PHE A 45 -3.25 7.70 7.86
CA PHE A 45 -4.48 7.14 7.32
C PHE A 45 -4.30 5.66 6.99
N THR A 46 -5.40 4.92 7.01
CA THR A 46 -5.35 3.50 6.68
C THR A 46 -5.58 3.33 5.19
N PRO A 47 -5.08 2.23 4.58
CA PRO A 47 -5.23 1.98 3.14
C PRO A 47 -6.65 2.25 2.65
N ARG A 48 -7.61 2.24 3.57
CA ARG A 48 -9.01 2.50 3.24
C ARG A 48 -9.33 3.99 3.35
N GLU A 49 -9.00 4.58 4.50
CA GLU A 49 -9.25 6.00 4.73
C GLU A 49 -8.45 6.85 3.76
N PHE A 50 -7.36 6.28 3.25
CA PHE A 50 -6.51 6.95 2.29
C PHE A 50 -7.12 6.88 0.91
N GLU A 51 -7.75 5.73 0.62
CA GLU A 51 -8.41 5.52 -0.66
C GLU A 51 -9.51 6.56 -0.83
N ILE A 52 -10.10 6.96 0.28
CA ILE A 52 -11.18 7.95 0.28
C ILE A 52 -10.65 9.33 -0.09
N GLU A 53 -9.48 9.68 0.44
CA GLU A 53 -8.87 10.98 0.18
C GLU A 53 -8.20 11.04 -1.20
N GLY A 54 -7.69 9.89 -1.65
CA GLY A 54 -7.04 9.83 -2.95
C GLY A 54 -8.03 9.66 -4.09
N ASP A 55 -8.95 8.71 -3.93
CA ASP A 55 -9.95 8.44 -4.94
C ASP A 55 -11.23 9.21 -4.64
N ARG A 56 -12.00 8.73 -3.66
CA ARG A 56 -13.25 9.36 -3.26
C ARG A 56 -13.93 8.59 -2.14
N GLY A 57 -13.88 7.26 -2.23
CA GLY A 57 -14.50 6.43 -1.22
C GLY A 57 -15.32 5.30 -1.81
N ALA A 58 -15.80 5.52 -3.03
CA ALA A 58 -16.61 4.52 -3.73
C ALA A 58 -15.73 3.54 -4.48
N SER A 59 -14.42 3.75 -4.41
CA SER A 59 -13.47 2.87 -5.08
C SER A 59 -13.60 1.44 -4.58
N LYS A 60 -13.98 1.29 -3.31
CA LYS A 60 -14.15 -0.03 -2.69
C LYS A 60 -12.81 -0.72 -2.51
N ASN A 61 -12.22 -1.18 -3.61
CA ASN A 61 -10.93 -1.87 -3.57
C ASN A 61 -9.80 -0.88 -3.31
N TRP A 62 -9.19 -0.99 -2.13
CA TRP A 62 -8.09 -0.11 -1.77
C TRP A 62 -6.75 -0.65 -2.27
N LYS A 63 -6.71 -1.94 -2.55
CA LYS A 63 -5.49 -2.59 -3.03
C LYS A 63 -5.11 -2.07 -4.41
N LEU A 64 -6.06 -1.46 -5.11
CA LEU A 64 -5.82 -0.92 -6.43
C LEU A 64 -5.87 0.60 -6.43
N SER A 65 -6.60 1.16 -5.48
CA SER A 65 -6.75 2.61 -5.38
C SER A 65 -5.45 3.29 -4.94
N ILE A 66 -4.62 2.54 -4.20
CA ILE A 66 -3.36 3.09 -3.72
C ILE A 66 -2.16 2.36 -4.33
N ARG A 67 -1.08 3.11 -4.56
CA ARG A 67 0.13 2.54 -5.13
C ARG A 67 1.29 2.66 -4.13
N CYS A 68 2.38 1.96 -4.39
CA CYS A 68 3.54 2.01 -3.51
C CYS A 68 4.84 1.91 -4.29
N GLY A 69 5.46 3.06 -4.54
CA GLY A 69 6.71 3.08 -5.28
C GLY A 69 6.50 2.86 -6.77
N GLY A 70 5.43 2.15 -7.12
CA GLY A 70 5.13 1.87 -8.51
C GLY A 70 3.98 0.89 -8.65
N TYR A 71 3.99 -0.16 -7.85
CA TYR A 71 2.94 -1.17 -7.88
C TYR A 71 1.97 -0.98 -6.72
N THR A 72 0.69 -1.19 -6.98
CA THR A 72 -0.35 -1.04 -5.96
C THR A 72 -0.19 -2.10 -4.88
N LEU A 73 -0.97 -1.98 -3.80
CA LEU A 73 -0.91 -2.93 -2.70
C LEU A 73 -1.37 -4.30 -3.17
N LYS A 74 -2.27 -4.31 -4.16
CA LYS A 74 -2.79 -5.55 -4.71
C LYS A 74 -1.64 -6.39 -5.25
N VAL A 75 -0.72 -5.73 -5.93
CA VAL A 75 0.44 -6.40 -6.49
C VAL A 75 1.51 -6.60 -5.41
N LEU A 76 1.66 -5.60 -4.54
CA LEU A 76 2.63 -5.66 -3.46
C LEU A 76 2.31 -6.82 -2.53
N MET A 77 1.04 -7.19 -2.47
CA MET A 77 0.60 -8.30 -1.65
C MET A 77 0.64 -9.60 -2.45
N GLU A 78 0.83 -9.47 -3.75
CA GLU A 78 0.88 -10.62 -4.65
C GLU A 78 2.31 -11.06 -4.92
N ASN A 79 3.27 -10.14 -4.80
CA ASN A 79 4.66 -10.48 -5.05
C ASN A 79 5.36 -10.97 -3.78
N LYS A 80 5.68 -10.05 -2.88
CA LYS A 80 6.34 -10.42 -1.63
C LYS A 80 6.53 -9.21 -0.70
N PHE A 81 6.43 -8.01 -1.25
CA PHE A 81 6.61 -6.79 -0.47
C PHE A 81 5.79 -6.81 0.81
N LEU A 82 4.59 -7.38 0.75
CA LEU A 82 3.72 -7.47 1.93
C LEU A 82 3.53 -8.93 2.35
N PRO A 83 3.56 -9.20 3.67
CA PRO A 83 3.38 -10.55 4.20
C PRO A 83 1.98 -11.11 3.90
N GLU A 84 1.06 -10.92 4.85
CA GLU A 84 -0.31 -11.39 4.69
C GLU A 84 -0.37 -12.91 4.53
N PRO A 85 -1.54 -13.53 4.76
CA PRO A 85 -1.71 -14.98 4.65
C PRO A 85 -1.23 -15.51 3.30
N PRO A 86 -1.14 -16.85 3.13
CA PRO A 86 -0.69 -17.47 1.89
C PRO A 86 -1.22 -16.76 0.65
N SER A 87 -0.35 -15.98 0.01
CA SER A 87 -0.72 -15.24 -1.19
C SER A 87 -1.21 -16.19 -2.28
N THR A 88 -0.34 -17.10 -2.69
CA THR A 88 -0.69 -18.08 -3.73
C THR A 88 0.18 -19.32 -3.63
N ARG A 89 1.34 -19.28 -4.28
CA ARG A 89 2.28 -20.39 -4.26
C ARG A 89 3.58 -20.02 -4.98
N LYS A 90 4.20 -20.99 -5.64
CA LYS A 90 5.45 -20.75 -6.35
C LYS A 90 5.19 -20.70 -7.86
N LYS A 91 6.16 -20.17 -8.60
CA LYS A 91 6.05 -20.05 -10.05
C LYS A 91 4.81 -19.26 -10.44
N VAL A 92 4.57 -18.16 -9.75
CA VAL A 92 3.42 -17.31 -10.03
C VAL A 92 3.79 -16.14 -10.92
N THR A 93 2.87 -15.73 -11.79
CA THR A 93 3.12 -14.63 -12.71
C THR A 93 3.11 -13.29 -11.97
N ILE A 94 3.58 -12.24 -12.65
CA ILE A 94 3.63 -10.90 -12.08
C ILE A 94 4.60 -10.83 -10.90
N LYS A 95 5.43 -9.79 -10.90
CA LYS A 95 6.40 -9.60 -9.83
C LYS A 95 6.03 -8.39 -8.96
N MET A 1 14.83 -10.55 -5.90
CA MET A 1 15.07 -9.47 -4.93
C MET A 1 14.17 -8.26 -5.17
N ASP A 2 14.39 -7.19 -4.42
CA ASP A 2 13.60 -5.98 -4.57
C ASP A 2 13.80 -5.36 -5.94
N GLU A 3 12.91 -4.44 -6.32
CA GLU A 3 12.98 -3.77 -7.61
C GLU A 3 13.50 -2.35 -7.46
N ASN A 4 12.58 -1.37 -7.54
CA ASN A 4 12.95 0.02 -7.41
C ASN A 4 12.47 0.59 -6.07
N ILE A 5 11.68 -0.20 -5.35
CA ILE A 5 11.16 0.23 -4.06
C ILE A 5 11.61 -0.72 -2.94
N ASN A 6 12.54 -0.24 -2.12
CA ASN A 6 13.07 -1.02 -1.00
C ASN A 6 12.16 -0.90 0.22
N PHE A 7 11.67 -2.04 0.71
CA PHE A 7 10.79 -2.06 1.87
C PHE A 7 11.59 -2.22 3.16
N LYS A 8 12.91 -2.36 3.02
CA LYS A 8 13.78 -2.53 4.18
C LYS A 8 14.16 -1.18 4.79
N GLN A 9 13.64 -0.10 4.20
CA GLN A 9 13.93 1.24 4.67
C GLN A 9 12.96 1.67 5.77
N SER A 10 12.07 0.74 6.15
CA SER A 10 11.07 1.00 7.19
C SER A 10 9.97 1.94 6.69
N GLU A 11 10.30 2.81 5.75
CA GLU A 11 9.35 3.75 5.19
C GLU A 11 9.14 3.50 3.70
N LEU A 12 7.96 3.01 3.35
CA LEU A 12 7.64 2.73 1.95
C LEU A 12 6.80 3.84 1.33
N PRO A 13 7.10 4.23 0.08
CA PRO A 13 6.37 5.29 -0.61
C PRO A 13 5.00 4.82 -1.08
N VAL A 14 3.99 5.68 -0.91
CA VAL A 14 2.63 5.37 -1.33
C VAL A 14 2.03 6.53 -2.12
N THR A 15 1.12 6.20 -3.03
CA THR A 15 0.49 7.22 -3.85
C THR A 15 -0.95 6.84 -4.20
N CYS A 16 -1.90 7.45 -3.52
CA CYS A 16 -3.30 7.17 -3.77
C CYS A 16 -3.98 8.34 -4.47
N GLY A 17 -4.27 8.17 -5.75
CA GLY A 17 -4.91 9.24 -6.51
C GLY A 17 -4.08 10.50 -6.54
N GLU A 18 -2.81 10.37 -6.94
CA GLU A 18 -1.88 11.49 -7.01
C GLU A 18 -1.52 11.99 -5.62
N VAL A 19 -2.12 11.39 -4.60
CA VAL A 19 -1.88 11.77 -3.22
C VAL A 19 -0.77 10.92 -2.61
N LYS A 20 0.44 11.47 -2.56
CA LYS A 20 1.59 10.76 -2.00
C LYS A 20 1.53 10.71 -0.48
N GLY A 21 2.36 9.85 0.09
CA GLY A 21 2.41 9.70 1.53
C GLY A 21 3.50 8.73 1.97
N THR A 22 3.85 8.78 3.24
CA THR A 22 4.89 7.89 3.79
C THR A 22 4.27 6.74 4.56
N LEU A 23 4.53 5.53 4.10
CA LEU A 23 3.99 4.33 4.74
C LEU A 23 4.95 3.78 5.79
N TYR A 24 4.42 3.50 6.97
CA TYR A 24 5.22 2.97 8.08
C TYR A 24 5.09 1.45 8.16
N LYS A 25 6.22 0.77 8.22
CA LYS A 25 6.24 -0.69 8.29
C LYS A 25 5.82 -1.18 9.68
N GLU A 26 6.14 -0.40 10.71
CA GLU A 26 5.80 -0.77 12.08
C GLU A 26 4.31 -1.06 12.23
N ARG A 27 3.51 -0.59 11.29
CA ARG A 27 2.07 -0.81 11.32
C ARG A 27 1.60 -1.55 10.07
N PHE A 28 2.37 -1.41 9.00
CA PHE A 28 2.06 -2.05 7.72
C PHE A 28 1.88 -3.56 7.89
N LYS A 29 2.44 -4.10 8.98
CA LYS A 29 2.33 -5.53 9.24
C LYS A 29 0.87 -5.98 9.27
N GLN A 30 -0.03 -5.02 9.36
CA GLN A 30 -1.46 -5.30 9.39
C GLN A 30 -2.15 -4.69 8.18
N GLY A 31 -1.46 -3.77 7.51
CA GLY A 31 -2.02 -3.12 6.33
C GLY A 31 -3.20 -2.22 6.66
N THR A 32 -4.32 -2.48 5.99
CA THR A 32 -5.55 -1.71 6.19
C THR A 32 -6.05 -1.77 7.63
N SER A 33 -5.34 -2.51 8.49
CA SER A 33 -5.74 -2.64 9.89
C SER A 33 -4.93 -1.72 10.79
N LYS A 34 -4.07 -0.89 10.18
CA LYS A 34 -3.24 0.04 10.95
C LYS A 34 -2.84 1.24 10.10
N LYS A 35 -3.10 2.44 10.61
CA LYS A 35 -2.77 3.67 9.91
C LYS A 35 -1.25 3.89 9.90
N CYS A 36 -0.65 3.84 8.72
CA CYS A 36 0.79 4.02 8.59
C CYS A 36 1.14 5.02 7.49
N ILE A 37 0.12 5.61 6.87
CA ILE A 37 0.34 6.59 5.80
C ILE A 37 0.29 8.01 6.34
N GLN A 38 1.47 8.63 6.46
CA GLN A 38 1.56 9.99 6.96
C GLN A 38 1.53 10.99 5.79
N SER A 39 0.47 11.78 5.73
CA SER A 39 0.31 12.77 4.68
C SER A 39 0.01 14.14 5.26
N GLU A 40 -0.01 15.15 4.39
CA GLU A 40 -0.28 16.53 4.78
C GLU A 40 0.90 17.17 5.51
N ASP A 41 1.36 16.53 6.59
CA ASP A 41 2.49 17.04 7.36
C ASP A 41 2.80 16.17 8.57
N LYS A 42 1.80 15.45 9.08
CA LYS A 42 1.99 14.59 10.25
C LYS A 42 0.73 13.80 10.59
N LYS A 43 -0.17 13.66 9.63
CA LYS A 43 -1.40 12.91 9.85
C LYS A 43 -1.31 11.50 9.28
N TRP A 44 -1.65 10.51 10.09
CA TRP A 44 -1.60 9.11 9.67
C TRP A 44 -2.96 8.62 9.22
N PHE A 45 -2.99 7.85 8.15
CA PHE A 45 -4.23 7.30 7.61
C PHE A 45 -4.07 5.82 7.27
N THR A 46 -5.19 5.11 7.21
CA THR A 46 -5.18 3.69 6.89
C THR A 46 -5.42 3.51 5.39
N PRO A 47 -4.95 2.40 4.79
CA PRO A 47 -5.14 2.13 3.37
C PRO A 47 -6.58 2.36 2.92
N ARG A 48 -7.50 2.40 3.87
CA ARG A 48 -8.91 2.62 3.59
C ARG A 48 -9.23 4.12 3.59
N GLU A 49 -9.03 4.77 4.73
CA GLU A 49 -9.29 6.20 4.87
C GLU A 49 -8.46 7.00 3.87
N PHE A 50 -7.33 6.43 3.46
CA PHE A 50 -6.45 7.06 2.49
C PHE A 50 -7.01 6.91 1.09
N GLU A 51 -7.63 5.75 0.84
CA GLU A 51 -8.23 5.47 -0.45
C GLU A 51 -9.35 6.46 -0.73
N ILE A 52 -10.03 6.89 0.33
CA ILE A 52 -11.13 7.84 0.22
C ILE A 52 -10.62 9.26 -0.10
N GLU A 53 -9.55 9.66 0.57
CA GLU A 53 -8.98 11.00 0.35
C GLU A 53 -8.19 11.06 -0.95
N GLY A 54 -7.61 9.93 -1.35
CA GLY A 54 -6.85 9.87 -2.58
C GLY A 54 -7.71 9.64 -3.79
N ASP A 55 -8.82 8.90 -3.58
CA ASP A 55 -9.74 8.60 -4.66
C ASP A 55 -11.16 9.06 -4.32
N ARG A 56 -11.84 8.30 -3.47
CA ARG A 56 -13.20 8.63 -3.06
C ARG A 56 -13.77 7.57 -2.13
N GLY A 57 -13.34 6.33 -2.32
CA GLY A 57 -13.82 5.24 -1.49
C GLY A 57 -14.59 4.20 -2.29
N ALA A 58 -15.17 4.65 -3.40
CA ALA A 58 -15.93 3.76 -4.27
C ALA A 58 -15.01 2.77 -4.97
N SER A 59 -13.71 3.03 -4.90
CA SER A 59 -12.71 2.17 -5.52
C SER A 59 -12.78 0.76 -4.94
N LYS A 60 -13.38 0.65 -3.75
CA LYS A 60 -13.52 -0.63 -3.07
C LYS A 60 -12.17 -1.21 -2.66
N ASN A 61 -11.47 -1.81 -3.63
CA ASN A 61 -10.16 -2.41 -3.37
C ASN A 61 -9.14 -1.34 -3.01
N TRP A 62 -8.68 -1.35 -1.75
CA TRP A 62 -7.71 -0.38 -1.28
C TRP A 62 -6.30 -0.76 -1.73
N LYS A 63 -6.11 -2.03 -2.06
CA LYS A 63 -4.82 -2.52 -2.52
C LYS A 63 -4.59 -2.20 -3.98
N LEU A 64 -5.67 -1.92 -4.71
CA LEU A 64 -5.58 -1.60 -6.12
C LEU A 64 -5.77 -0.10 -6.36
N SER A 65 -6.47 0.55 -5.45
CA SER A 65 -6.74 1.99 -5.56
C SER A 65 -5.50 2.79 -5.18
N ILE A 66 -4.68 2.23 -4.30
CA ILE A 66 -3.46 2.91 -3.84
C ILE A 66 -2.22 2.25 -4.43
N ARG A 67 -1.21 3.07 -4.71
CA ARG A 67 0.04 2.58 -5.27
C ARG A 67 1.16 2.68 -4.23
N CYS A 68 2.26 1.97 -4.49
CA CYS A 68 3.40 1.99 -3.58
C CYS A 68 4.70 2.20 -4.36
N GLY A 69 5.11 3.46 -4.46
CA GLY A 69 6.34 3.78 -5.19
C GLY A 69 6.25 3.45 -6.66
N GLY A 70 5.20 2.74 -7.05
CA GLY A 70 5.02 2.37 -8.45
C GLY A 70 4.01 1.25 -8.61
N TYR A 71 4.12 0.23 -7.77
CA TYR A 71 3.20 -0.91 -7.80
C TYR A 71 2.23 -0.85 -6.62
N THR A 72 0.95 -1.13 -6.89
CA THR A 72 -0.07 -1.11 -5.86
C THR A 72 0.14 -2.23 -4.85
N LEU A 73 -0.69 -2.26 -3.81
CA LEU A 73 -0.59 -3.29 -2.78
C LEU A 73 -1.00 -4.64 -3.34
N LYS A 74 -1.91 -4.62 -4.31
CA LYS A 74 -2.38 -5.84 -4.95
C LYS A 74 -1.22 -6.49 -5.69
N VAL A 75 -0.43 -5.66 -6.36
CA VAL A 75 0.74 -6.13 -7.09
C VAL A 75 1.87 -6.46 -6.13
N LEU A 76 1.94 -5.71 -5.03
CA LEU A 76 2.98 -5.92 -4.02
C LEU A 76 2.75 -7.24 -3.29
N MET A 77 1.49 -7.61 -3.12
CA MET A 77 1.14 -8.86 -2.44
C MET A 77 1.26 -10.03 -3.39
N GLU A 78 1.45 -9.73 -4.68
CA GLU A 78 1.59 -10.74 -5.71
C GLU A 78 3.03 -10.84 -6.19
N ASN A 79 3.80 -9.76 -5.99
CA ASN A 79 5.19 -9.73 -6.42
C ASN A 79 6.04 -10.64 -5.56
N LYS A 80 6.23 -10.26 -4.30
CA LYS A 80 7.03 -11.05 -3.36
C LYS A 80 7.05 -10.42 -1.97
N PHE A 81 6.86 -9.11 -1.90
CA PHE A 81 6.87 -8.40 -0.62
C PHE A 81 5.71 -8.87 0.24
N LEU A 82 4.56 -9.11 -0.40
CA LEU A 82 3.35 -9.57 0.29
C LEU A 82 3.18 -8.91 1.66
N PRO A 83 2.42 -7.80 1.73
CA PRO A 83 2.18 -7.09 2.98
C PRO A 83 1.67 -8.00 4.10
N GLU A 84 0.85 -8.98 3.73
CA GLU A 84 0.30 -9.92 4.71
C GLU A 84 1.42 -10.61 5.50
N PRO A 85 1.27 -10.69 6.83
CA PRO A 85 2.27 -11.33 7.71
C PRO A 85 2.69 -12.73 7.23
N PRO A 86 1.72 -13.62 6.89
CA PRO A 86 2.04 -14.99 6.43
C PRO A 86 3.00 -14.99 5.24
N SER A 87 2.63 -14.27 4.19
CA SER A 87 3.45 -14.19 2.99
C SER A 87 3.69 -15.58 2.38
N THR A 88 2.77 -16.01 1.54
CA THR A 88 2.88 -17.32 0.89
C THR A 88 2.57 -17.21 -0.60
N ARG A 89 3.51 -17.70 -1.43
CA ARG A 89 3.34 -17.67 -2.88
C ARG A 89 3.02 -19.06 -3.41
N LYS A 90 1.73 -19.36 -3.54
CA LYS A 90 1.28 -20.65 -4.05
C LYS A 90 1.07 -20.61 -5.56
N LYS A 91 0.79 -19.41 -6.07
CA LYS A 91 0.56 -19.24 -7.50
C LYS A 91 1.20 -17.95 -8.00
N VAL A 92 2.08 -18.08 -8.99
CA VAL A 92 2.76 -16.92 -9.57
C VAL A 92 1.85 -16.17 -10.53
N THR A 93 2.27 -16.05 -11.80
CA THR A 93 1.47 -15.35 -12.80
C THR A 93 1.19 -13.92 -12.39
N ILE A 94 2.09 -13.00 -12.77
CA ILE A 94 1.93 -11.59 -12.44
C ILE A 94 2.17 -10.72 -13.67
N LYS A 95 1.38 -9.66 -13.81
CA LYS A 95 1.50 -8.75 -14.94
C LYS A 95 1.37 -7.30 -14.48
N MET A 1 16.19 -10.57 -4.59
CA MET A 1 16.02 -9.64 -3.44
C MET A 1 14.75 -8.80 -3.60
N ASP A 2 14.79 -7.84 -4.51
CA ASP A 2 13.65 -6.96 -4.75
C ASP A 2 13.42 -6.77 -6.25
N GLU A 3 12.51 -5.86 -6.59
CA GLU A 3 12.20 -5.56 -7.98
C GLU A 3 12.41 -4.09 -8.29
N ASN A 4 11.90 -3.24 -7.41
CA ASN A 4 12.01 -1.80 -7.57
C ASN A 4 11.78 -1.09 -6.24
N ILE A 5 10.84 -1.61 -5.45
CA ILE A 5 10.52 -1.03 -4.15
C ILE A 5 10.66 -2.05 -3.03
N ASN A 6 11.42 -1.69 -2.00
CA ASN A 6 11.64 -2.57 -0.86
C ASN A 6 10.38 -2.69 -0.02
N PHE A 7 10.53 -3.15 1.22
CA PHE A 7 9.38 -3.32 2.11
C PHE A 7 9.80 -3.29 3.57
N LYS A 8 11.10 -3.15 3.83
CA LYS A 8 11.61 -3.14 5.20
C LYS A 8 12.40 -1.86 5.49
N GLN A 9 12.41 -0.93 4.53
CA GLN A 9 13.13 0.33 4.69
C GLN A 9 12.49 1.21 5.78
N SER A 10 11.53 0.65 6.52
CA SER A 10 10.84 1.37 7.58
C SER A 10 9.86 2.40 7.03
N GLU A 11 10.17 2.97 5.87
CA GLU A 11 9.31 3.97 5.25
C GLU A 11 9.21 3.73 3.75
N LEU A 12 8.03 3.31 3.30
CA LEU A 12 7.79 3.05 1.89
C LEU A 12 6.90 4.13 1.28
N PRO A 13 7.33 4.73 0.15
CA PRO A 13 6.55 5.78 -0.52
C PRO A 13 5.29 5.24 -1.18
N VAL A 14 4.14 5.78 -0.79
CA VAL A 14 2.86 5.36 -1.36
C VAL A 14 2.22 6.51 -2.10
N THR A 15 1.37 6.18 -3.08
CA THR A 15 0.70 7.20 -3.87
C THR A 15 -0.72 6.80 -4.24
N CYS A 16 -1.69 7.40 -3.56
CA CYS A 16 -3.10 7.10 -3.84
C CYS A 16 -3.74 8.27 -4.57
N GLY A 17 -3.88 8.14 -5.89
CA GLY A 17 -4.48 9.21 -6.68
C GLY A 17 -3.66 10.48 -6.58
N GLU A 18 -2.34 10.35 -6.74
CA GLU A 18 -1.42 11.48 -6.65
C GLU A 18 -1.25 11.93 -5.21
N VAL A 19 -2.00 11.29 -4.32
CA VAL A 19 -1.92 11.61 -2.90
C VAL A 19 -0.80 10.82 -2.24
N LYS A 20 0.42 11.29 -2.45
CA LYS A 20 1.60 10.63 -1.90
C LYS A 20 1.64 10.73 -0.37
N GLY A 21 2.39 9.83 0.25
CA GLY A 21 2.52 9.81 1.69
C GLY A 21 3.64 8.90 2.14
N THR A 22 3.83 8.80 3.46
CA THR A 22 4.89 7.96 4.02
C THR A 22 4.30 6.75 4.75
N LEU A 23 4.62 5.55 4.25
CA LEU A 23 4.13 4.32 4.85
C LEU A 23 5.09 3.80 5.91
N TYR A 24 4.55 3.55 7.10
CA TYR A 24 5.36 3.04 8.22
C TYR A 24 5.27 1.52 8.29
N LYS A 25 6.44 0.87 8.33
CA LYS A 25 6.49 -0.58 8.42
C LYS A 25 6.05 -1.08 9.78
N GLU A 26 6.30 -0.26 10.81
CA GLU A 26 5.92 -0.62 12.18
C GLU A 26 4.42 -0.91 12.29
N ARG A 27 3.65 -0.43 11.33
CA ARG A 27 2.21 -0.63 11.33
C ARG A 27 1.74 -1.38 10.09
N PHE A 28 2.50 -1.24 9.00
CA PHE A 28 2.18 -1.90 7.74
C PHE A 28 2.24 -3.41 7.89
N LYS A 29 2.92 -3.88 8.93
CA LYS A 29 3.06 -5.32 9.19
C LYS A 29 1.71 -6.04 9.12
N GLN A 30 0.62 -5.27 9.19
CA GLN A 30 -0.72 -5.85 9.14
C GLN A 30 -1.50 -5.30 7.94
N GLY A 31 -1.00 -4.21 7.37
CA GLY A 31 -1.66 -3.61 6.21
C GLY A 31 -2.78 -2.67 6.59
N THR A 32 -3.98 -2.94 6.06
CA THR A 32 -5.15 -2.11 6.34
C THR A 32 -5.66 -2.26 7.77
N SER A 33 -4.83 -2.78 8.66
CA SER A 33 -5.22 -2.97 10.05
C SER A 33 -4.64 -1.85 10.93
N LYS A 34 -3.90 -0.93 10.30
CA LYS A 34 -3.30 0.19 11.00
C LYS A 34 -2.98 1.32 10.04
N LYS A 35 -2.98 2.54 10.56
CA LYS A 35 -2.68 3.72 9.76
C LYS A 35 -1.19 4.05 9.82
N CYS A 36 -0.47 3.68 8.76
CA CYS A 36 0.97 3.92 8.70
C CYS A 36 1.33 4.95 7.63
N ILE A 37 0.31 5.50 6.96
CA ILE A 37 0.54 6.50 5.93
C ILE A 37 0.41 7.91 6.47
N GLN A 38 1.52 8.63 6.52
CA GLN A 38 1.53 10.01 7.00
C GLN A 38 1.39 10.99 5.85
N SER A 39 0.27 11.70 5.81
CA SER A 39 0.01 12.67 4.75
C SER A 39 -0.38 14.03 5.36
N GLU A 40 -0.50 15.03 4.50
CA GLU A 40 -0.86 16.39 4.91
C GLU A 40 0.30 17.10 5.62
N ASP A 41 0.81 16.48 6.69
CA ASP A 41 1.92 17.06 7.45
C ASP A 41 2.26 16.22 8.67
N LYS A 42 1.28 15.46 9.17
CA LYS A 42 1.49 14.61 10.34
C LYS A 42 0.25 13.76 10.66
N LYS A 43 -0.67 13.66 9.71
CA LYS A 43 -1.89 12.88 9.92
C LYS A 43 -1.76 11.51 9.27
N TRP A 44 -1.92 10.46 10.08
CA TRP A 44 -1.81 9.10 9.59
C TRP A 44 -3.17 8.56 9.18
N PHE A 45 -3.22 7.88 8.04
CA PHE A 45 -4.45 7.31 7.52
C PHE A 45 -4.29 5.84 7.18
N THR A 46 -5.40 5.11 7.22
CA THR A 46 -5.39 3.69 6.90
C THR A 46 -5.63 3.48 5.41
N PRO A 47 -5.17 2.36 4.84
CA PRO A 47 -5.34 2.08 3.41
C PRO A 47 -6.78 2.31 2.93
N ARG A 48 -7.72 2.31 3.87
CA ARG A 48 -9.13 2.53 3.54
C ARG A 48 -9.43 4.03 3.47
N GLU A 49 -9.05 4.76 4.52
CA GLU A 49 -9.27 6.20 4.57
C GLU A 49 -8.41 6.91 3.53
N PHE A 50 -7.33 6.26 3.13
CA PHE A 50 -6.42 6.81 2.13
C PHE A 50 -7.01 6.65 0.74
N GLU A 51 -7.68 5.52 0.52
CA GLU A 51 -8.32 5.25 -0.75
C GLU A 51 -9.47 6.22 -0.96
N ILE A 52 -10.09 6.61 0.14
CA ILE A 52 -11.21 7.54 0.11
C ILE A 52 -10.76 8.96 -0.25
N GLU A 53 -9.65 9.39 0.35
CA GLU A 53 -9.12 10.73 0.09
C GLU A 53 -8.33 10.79 -1.21
N GLY A 54 -7.73 9.67 -1.59
CA GLY A 54 -6.95 9.61 -2.81
C GLY A 54 -7.83 9.47 -4.04
N ASP A 55 -8.92 8.72 -3.90
CA ASP A 55 -9.85 8.51 -5.00
C ASP A 55 -11.06 9.43 -4.88
N ARG A 56 -11.96 9.09 -3.96
CA ARG A 56 -13.17 9.88 -3.74
C ARG A 56 -13.98 9.35 -2.56
N GLY A 57 -13.91 8.05 -2.34
CA GLY A 57 -14.64 7.45 -1.23
C GLY A 57 -15.68 6.46 -1.72
N ALA A 58 -16.15 6.65 -2.95
CA ALA A 58 -17.14 5.76 -3.54
C ALA A 58 -16.51 4.44 -3.98
N SER A 59 -15.19 4.35 -3.82
CA SER A 59 -14.47 3.15 -4.20
C SER A 59 -14.72 2.02 -3.20
N LYS A 60 -13.71 1.18 -2.99
CA LYS A 60 -13.82 0.07 -2.06
C LYS A 60 -12.51 -0.70 -1.99
N ASN A 61 -11.99 -1.07 -3.16
CA ASN A 61 -10.74 -1.81 -3.24
C ASN A 61 -9.53 -0.87 -3.07
N TRP A 62 -8.95 -0.91 -1.88
CA TRP A 62 -7.80 -0.06 -1.57
C TRP A 62 -6.51 -0.68 -2.12
N LYS A 63 -6.53 -1.98 -2.38
CA LYS A 63 -5.37 -2.67 -2.91
C LYS A 63 -4.99 -2.15 -4.28
N LEU A 64 -5.94 -1.52 -4.96
CA LEU A 64 -5.70 -0.99 -6.29
C LEU A 64 -5.77 0.54 -6.30
N SER A 65 -6.52 1.10 -5.36
CA SER A 65 -6.69 2.55 -5.27
C SER A 65 -5.39 3.24 -4.85
N ILE A 66 -4.57 2.54 -4.08
CA ILE A 66 -3.30 3.10 -3.61
C ILE A 66 -2.12 2.37 -4.24
N ARG A 67 -1.08 3.13 -4.59
CA ARG A 67 0.12 2.56 -5.18
C ARG A 67 1.28 2.60 -4.21
N CYS A 68 2.33 1.85 -4.51
CA CYS A 68 3.51 1.81 -3.64
C CYS A 68 4.80 1.80 -4.47
N GLY A 69 5.41 2.97 -4.60
CA GLY A 69 6.64 3.09 -5.37
C GLY A 69 6.48 2.64 -6.81
N GLY A 70 5.23 2.43 -7.21
CA GLY A 70 4.94 1.98 -8.56
C GLY A 70 3.78 1.00 -8.62
N TYR A 71 3.93 -0.12 -7.94
CA TYR A 71 2.89 -1.14 -7.91
C TYR A 71 2.01 -0.97 -6.67
N THR A 72 0.70 -1.17 -6.85
CA THR A 72 -0.24 -1.03 -5.76
C THR A 72 -0.09 -2.18 -4.76
N LEU A 73 -0.95 -2.23 -3.74
CA LEU A 73 -0.90 -3.28 -2.74
C LEU A 73 -1.37 -4.60 -3.35
N LYS A 74 -2.24 -4.49 -4.34
CA LYS A 74 -2.77 -5.66 -5.03
C LYS A 74 -1.63 -6.41 -5.70
N VAL A 75 -0.75 -5.65 -6.32
CA VAL A 75 0.41 -6.21 -7.00
C VAL A 75 1.50 -6.52 -5.99
N LEU A 76 1.60 -5.68 -4.96
CA LEU A 76 2.59 -5.87 -3.91
C LEU A 76 2.34 -7.17 -3.16
N MET A 77 1.07 -7.56 -3.07
CA MET A 77 0.71 -8.81 -2.40
C MET A 77 0.87 -9.97 -3.37
N GLU A 78 1.02 -9.64 -4.65
CA GLU A 78 1.20 -10.64 -5.69
C GLU A 78 2.69 -10.91 -5.90
N ASN A 79 3.51 -9.91 -5.57
CA ASN A 79 4.96 -10.03 -5.71
C ASN A 79 5.58 -10.67 -4.47
N LYS A 80 5.70 -9.89 -3.40
CA LYS A 80 6.28 -10.36 -2.14
C LYS A 80 6.49 -9.22 -1.14
N PHE A 81 6.46 -7.99 -1.65
CA PHE A 81 6.67 -6.81 -0.80
C PHE A 81 5.66 -6.72 0.33
N LEU A 82 4.58 -7.49 0.23
CA LEU A 82 3.54 -7.48 1.26
C LEU A 82 3.76 -8.60 2.28
N PRO A 83 3.69 -8.28 3.59
CA PRO A 83 3.89 -9.26 4.66
C PRO A 83 2.88 -10.41 4.60
N GLU A 84 1.64 -10.07 4.24
CA GLU A 84 0.58 -11.07 4.14
C GLU A 84 0.07 -11.18 2.71
N PRO A 85 0.86 -11.82 1.82
CA PRO A 85 0.48 -11.99 0.42
C PRO A 85 -0.37 -13.24 0.19
N PRO A 86 -1.69 -13.08 0.00
CA PRO A 86 -2.59 -14.21 -0.25
C PRO A 86 -2.60 -14.63 -1.70
N SER A 87 -1.67 -14.07 -2.48
CA SER A 87 -1.57 -14.38 -3.90
C SER A 87 -1.09 -15.83 -4.10
N THR A 88 0.15 -15.99 -4.54
CA THR A 88 0.72 -17.32 -4.78
C THR A 88 -0.15 -18.14 -5.73
N ARG A 89 -0.97 -17.44 -6.51
CA ARG A 89 -1.86 -18.10 -7.46
C ARG A 89 -2.19 -17.18 -8.63
N LYS A 90 -3.09 -17.63 -9.49
CA LYS A 90 -3.50 -16.85 -10.65
C LYS A 90 -4.41 -15.70 -10.23
N LYS A 91 -5.29 -15.97 -9.27
CA LYS A 91 -6.24 -14.97 -8.78
C LYS A 91 -7.06 -14.38 -9.92
N VAL A 92 -8.05 -15.14 -10.38
CA VAL A 92 -8.93 -14.71 -11.46
C VAL A 92 -8.13 -14.48 -12.74
N THR A 93 -7.60 -13.27 -12.90
CA THR A 93 -6.82 -12.92 -14.09
C THR A 93 -5.81 -11.83 -13.77
N ILE A 94 -5.98 -11.18 -12.62
CA ILE A 94 -5.07 -10.11 -12.21
C ILE A 94 -3.64 -10.65 -12.04
N LYS A 95 -2.69 -9.94 -12.66
CA LYS A 95 -1.29 -10.34 -12.59
C LYS A 95 -0.38 -9.15 -12.91
N MET A 1 14.59 -11.47 -3.30
CA MET A 1 14.74 -10.17 -2.59
C MET A 1 13.81 -9.11 -3.18
N ASP A 2 14.07 -7.85 -2.85
CA ASP A 2 13.26 -6.74 -3.34
C ASP A 2 13.56 -6.47 -4.82
N GLU A 3 12.63 -5.79 -5.49
CA GLU A 3 12.80 -5.47 -6.89
C GLU A 3 13.22 -4.01 -7.08
N ASN A 4 12.25 -3.12 -7.19
CA ASN A 4 12.51 -1.71 -7.37
C ASN A 4 12.19 -0.93 -6.09
N ILE A 5 11.32 -1.49 -5.27
CA ILE A 5 10.93 -0.86 -4.01
C ILE A 5 11.38 -1.69 -2.81
N ASN A 6 12.42 -1.24 -2.13
CA ASN A 6 12.94 -1.95 -0.97
C ASN A 6 11.91 -1.97 0.15
N PHE A 7 11.56 -3.17 0.60
CA PHE A 7 10.59 -3.35 1.68
C PHE A 7 11.29 -3.50 3.02
N LYS A 8 12.62 -3.54 2.98
CA LYS A 8 13.41 -3.68 4.21
C LYS A 8 13.59 -2.34 4.91
N GLN A 9 13.04 -1.28 4.31
CA GLN A 9 13.14 0.05 4.87
C GLN A 9 12.14 0.24 6.01
N SER A 10 12.07 1.46 6.53
CA SER A 10 11.15 1.78 7.62
C SER A 10 10.03 2.69 7.12
N GLU A 11 10.19 3.21 5.91
CA GLU A 11 9.20 4.09 5.31
C GLU A 11 9.04 3.81 3.83
N LEU A 12 7.88 3.27 3.46
CA LEU A 12 7.58 2.93 2.08
C LEU A 12 6.74 4.03 1.42
N PRO A 13 7.20 4.59 0.28
CA PRO A 13 6.48 5.64 -0.43
C PRO A 13 5.19 5.12 -1.06
N VAL A 14 4.07 5.74 -0.69
CA VAL A 14 2.77 5.35 -1.24
C VAL A 14 2.18 6.46 -2.09
N THR A 15 1.33 6.08 -3.03
CA THR A 15 0.69 7.05 -3.92
C THR A 15 -0.74 6.66 -4.23
N CYS A 16 -1.68 7.32 -3.57
CA CYS A 16 -3.10 7.04 -3.79
C CYS A 16 -3.76 8.18 -4.54
N GLY A 17 -4.02 7.95 -5.82
CA GLY A 17 -4.66 8.97 -6.64
C GLY A 17 -3.83 10.24 -6.70
N GLU A 18 -2.57 10.11 -7.08
CA GLU A 18 -1.66 11.26 -7.18
C GLU A 18 -1.33 11.81 -5.79
N VAL A 19 -1.93 11.21 -4.76
CA VAL A 19 -1.71 11.64 -3.39
C VAL A 19 -0.62 10.82 -2.73
N LYS A 20 0.59 11.38 -2.68
CA LYS A 20 1.73 10.70 -2.07
C LYS A 20 1.67 10.76 -0.55
N GLY A 21 2.31 9.78 0.09
CA GLY A 21 2.33 9.72 1.54
C GLY A 21 3.44 8.81 2.04
N THR A 22 3.70 8.87 3.34
CA THR A 22 4.74 8.04 3.95
C THR A 22 4.14 6.87 4.70
N LEU A 23 4.51 5.66 4.30
CA LEU A 23 4.01 4.44 4.94
C LEU A 23 4.98 3.93 6.01
N TYR A 24 4.46 3.68 7.21
CA TYR A 24 5.27 3.19 8.31
C TYR A 24 5.23 1.66 8.37
N LYS A 25 6.40 1.04 8.36
CA LYS A 25 6.50 -0.42 8.42
C LYS A 25 6.06 -0.95 9.77
N GLU A 26 6.35 -0.19 10.83
CA GLU A 26 5.98 -0.59 12.19
C GLU A 26 4.50 -0.87 12.31
N ARG A 27 3.71 -0.34 11.37
CA ARG A 27 2.27 -0.53 11.38
C ARG A 27 1.80 -1.30 10.16
N PHE A 28 2.55 -1.19 9.07
CA PHE A 28 2.21 -1.87 7.82
C PHE A 28 2.38 -3.38 7.95
N LYS A 29 3.08 -3.82 8.99
CA LYS A 29 3.31 -5.25 9.22
C LYS A 29 2.01 -6.04 9.11
N GLN A 30 0.89 -5.36 9.20
CA GLN A 30 -0.42 -6.00 9.12
C GLN A 30 -1.18 -5.50 7.89
N GLY A 31 -0.71 -4.39 7.32
CA GLY A 31 -1.37 -3.83 6.15
C GLY A 31 -2.53 -2.92 6.49
N THR A 32 -3.71 -3.27 6.00
CA THR A 32 -4.92 -2.48 6.24
C THR A 32 -5.46 -2.72 7.65
N SER A 33 -4.58 -2.76 8.64
CA SER A 33 -4.99 -2.97 10.02
C SER A 33 -4.36 -1.93 10.95
N LYS A 34 -3.60 -1.01 10.37
CA LYS A 34 -2.94 0.05 11.15
C LYS A 34 -2.63 1.26 10.28
N LYS A 35 -2.96 2.44 10.78
CA LYS A 35 -2.71 3.68 10.05
C LYS A 35 -1.22 4.00 10.01
N CYS A 36 -0.59 3.75 8.87
CA CYS A 36 0.83 4.01 8.71
C CYS A 36 1.10 5.03 7.61
N ILE A 37 0.03 5.57 7.01
CA ILE A 37 0.18 6.56 5.94
C ILE A 37 0.04 7.98 6.49
N GLN A 38 1.14 8.71 6.51
CA GLN A 38 1.15 10.08 6.99
C GLN A 38 1.06 11.07 5.84
N SER A 39 0.00 11.88 5.84
CA SER A 39 -0.20 12.87 4.78
C SER A 39 0.49 14.19 5.14
N GLU A 40 0.56 15.11 4.18
CA GLU A 40 1.19 16.41 4.38
C GLU A 40 0.53 17.18 5.51
N ASP A 41 -0.70 16.81 5.85
CA ASP A 41 -1.44 17.48 6.91
C ASP A 41 -1.08 16.89 8.27
N LYS A 42 0.03 16.15 8.30
CA LYS A 42 0.50 15.50 9.53
C LYS A 42 -0.59 14.65 10.14
N LYS A 43 -1.05 13.67 9.37
CA LYS A 43 -2.11 12.76 9.83
C LYS A 43 -1.88 11.35 9.30
N TRP A 44 -2.13 10.37 10.16
CA TRP A 44 -1.95 8.97 9.79
C TRP A 44 -3.29 8.33 9.44
N PHE A 45 -3.33 7.62 8.32
CA PHE A 45 -4.55 6.94 7.88
C PHE A 45 -4.27 5.50 7.50
N THR A 46 -5.33 4.75 7.22
CA THR A 46 -5.20 3.36 6.83
C THR A 46 -5.45 3.23 5.33
N PRO A 47 -5.07 2.10 4.71
CA PRO A 47 -5.27 1.88 3.27
C PRO A 47 -6.68 2.25 2.80
N ARG A 48 -7.60 2.35 3.76
CA ARG A 48 -8.99 2.69 3.45
C ARG A 48 -9.19 4.21 3.51
N GLU A 49 -8.82 4.81 4.65
CA GLU A 49 -8.95 6.24 4.85
C GLU A 49 -8.10 7.01 3.84
N PHE A 50 -7.05 6.34 3.36
CA PHE A 50 -6.15 6.94 2.38
C PHE A 50 -6.79 6.91 1.00
N GLU A 51 -7.50 5.82 0.72
CA GLU A 51 -8.18 5.66 -0.56
C GLU A 51 -9.23 6.76 -0.74
N ILE A 52 -9.85 7.15 0.37
CA ILE A 52 -10.86 8.19 0.36
C ILE A 52 -10.26 9.54 -0.01
N GLU A 53 -9.09 9.84 0.55
CA GLU A 53 -8.42 11.10 0.29
C GLU A 53 -7.78 11.11 -1.11
N GLY A 54 -7.42 9.92 -1.59
CA GLY A 54 -6.81 9.82 -2.90
C GLY A 54 -7.84 9.58 -3.99
N ASP A 55 -9.08 9.32 -3.60
CA ASP A 55 -10.15 9.08 -4.55
C ASP A 55 -11.48 9.59 -4.00
N ARG A 56 -12.09 8.82 -3.10
CA ARG A 56 -13.37 9.20 -2.49
C ARG A 56 -13.86 8.12 -1.53
N GLY A 57 -13.55 6.87 -1.85
CA GLY A 57 -13.98 5.76 -1.02
C GLY A 57 -14.78 4.75 -1.80
N ALA A 58 -15.42 5.20 -2.87
CA ALA A 58 -16.23 4.33 -3.71
C ALA A 58 -15.34 3.39 -4.50
N SER A 59 -14.04 3.65 -4.47
CA SER A 59 -13.07 2.82 -5.19
C SER A 59 -13.16 1.36 -4.76
N LYS A 60 -13.75 1.14 -3.59
CA LYS A 60 -13.90 -0.22 -3.04
C LYS A 60 -12.55 -0.86 -2.77
N ASN A 61 -11.96 -1.46 -3.81
CA ASN A 61 -10.67 -2.12 -3.68
C ASN A 61 -9.57 -1.10 -3.38
N TRP A 62 -9.16 -1.02 -2.12
CA TRP A 62 -8.11 -0.09 -1.70
C TRP A 62 -6.75 -0.56 -2.20
N LYS A 63 -6.64 -1.84 -2.49
CA LYS A 63 -5.38 -2.42 -2.97
C LYS A 63 -5.10 -2.00 -4.41
N LEU A 64 -6.14 -1.53 -5.10
CA LEU A 64 -6.01 -1.10 -6.49
C LEU A 64 -6.02 0.42 -6.59
N SER A 65 -6.63 1.08 -5.62
CA SER A 65 -6.72 2.54 -5.62
C SER A 65 -5.41 3.20 -5.14
N ILE A 66 -4.68 2.49 -4.29
CA ILE A 66 -3.41 3.02 -3.76
C ILE A 66 -2.22 2.27 -4.32
N ARG A 67 -1.12 2.99 -4.51
CA ARG A 67 0.11 2.40 -5.04
C ARG A 67 1.23 2.47 -4.01
N CYS A 68 2.29 1.69 -4.23
CA CYS A 68 3.43 1.68 -3.32
C CYS A 68 4.74 1.74 -4.10
N GLY A 69 5.28 2.94 -4.25
CA GLY A 69 6.53 3.12 -4.98
C GLY A 69 6.34 2.98 -6.48
N GLY A 70 5.39 2.15 -6.89
CA GLY A 70 5.13 1.93 -8.30
C GLY A 70 3.96 1.00 -8.52
N TYR A 71 3.96 -0.14 -7.82
CA TYR A 71 2.90 -1.12 -7.94
C TYR A 71 1.94 -1.03 -6.75
N THR A 72 0.65 -1.17 -7.02
CA THR A 72 -0.36 -1.10 -5.98
C THR A 72 -0.26 -2.28 -5.03
N LEU A 73 -0.89 -2.17 -3.86
CA LEU A 73 -0.86 -3.25 -2.88
C LEU A 73 -1.37 -4.54 -3.49
N LYS A 74 -2.24 -4.42 -4.49
CA LYS A 74 -2.77 -5.58 -5.18
C LYS A 74 -1.64 -6.38 -5.82
N VAL A 75 -0.74 -5.65 -6.48
CA VAL A 75 0.40 -6.27 -7.14
C VAL A 75 1.47 -6.65 -6.11
N LEU A 76 1.63 -5.81 -5.09
CA LEU A 76 2.61 -6.06 -4.04
C LEU A 76 2.22 -7.28 -3.22
N MET A 77 0.91 -7.53 -3.12
CA MET A 77 0.41 -8.68 -2.38
C MET A 77 0.49 -9.92 -3.25
N GLU A 78 0.74 -9.71 -4.54
CA GLU A 78 0.85 -10.79 -5.50
C GLU A 78 2.32 -11.10 -5.80
N ASN A 79 3.18 -10.11 -5.57
CA ASN A 79 4.61 -10.26 -5.82
C ASN A 79 5.27 -11.07 -4.71
N LYS A 80 5.44 -10.44 -3.56
CA LYS A 80 6.06 -11.08 -2.39
C LYS A 80 6.42 -10.05 -1.32
N PHE A 81 5.62 -8.99 -1.24
CA PHE A 81 5.86 -7.94 -0.26
C PHE A 81 4.65 -7.74 0.65
N LEU A 82 3.50 -8.25 0.22
CA LEU A 82 2.28 -8.12 1.01
C LEU A 82 1.52 -9.45 1.06
N PRO A 83 2.16 -10.50 1.60
CA PRO A 83 1.55 -11.82 1.71
C PRO A 83 0.80 -11.99 3.03
N GLU A 84 0.43 -10.86 3.63
CA GLU A 84 -0.28 -10.84 4.90
C GLU A 84 0.67 -11.18 6.05
N PRO A 85 0.26 -10.92 7.32
CA PRO A 85 1.09 -11.20 8.49
C PRO A 85 1.89 -12.51 8.39
N PRO A 86 1.24 -13.64 8.00
CA PRO A 86 1.94 -14.92 7.88
C PRO A 86 3.11 -14.84 6.90
N SER A 87 2.88 -14.20 5.76
CA SER A 87 3.91 -14.03 4.73
C SER A 87 4.59 -15.35 4.42
N THR A 88 3.79 -16.40 4.23
CA THR A 88 4.32 -17.72 3.92
C THR A 88 3.73 -18.25 2.63
N ARG A 89 2.49 -17.88 2.34
CA ARG A 89 1.81 -18.32 1.12
C ARG A 89 2.36 -17.60 -0.10
N LYS A 90 2.44 -18.31 -1.22
CA LYS A 90 2.95 -17.72 -2.46
C LYS A 90 1.86 -16.93 -3.18
N LYS A 91 0.60 -17.24 -2.87
CA LYS A 91 -0.55 -16.55 -3.48
C LYS A 91 -0.63 -16.84 -4.97
N VAL A 92 -1.84 -17.09 -5.46
CA VAL A 92 -2.06 -17.38 -6.87
C VAL A 92 -2.48 -16.11 -7.62
N THR A 93 -2.99 -16.30 -8.84
CA THR A 93 -3.43 -15.18 -9.66
C THR A 93 -2.29 -14.20 -9.92
N ILE A 94 -1.42 -14.56 -10.85
CA ILE A 94 -0.28 -13.71 -11.19
C ILE A 94 -0.41 -13.17 -12.63
N LYS A 95 -0.74 -11.88 -12.73
CA LYS A 95 -0.90 -11.24 -14.03
C LYS A 95 -0.20 -9.88 -14.05
N MET A 1 17.30 -10.45 -5.63
CA MET A 1 16.99 -9.20 -4.90
C MET A 1 15.51 -8.84 -5.02
N ASP A 2 15.18 -7.57 -4.80
CA ASP A 2 13.80 -7.10 -4.89
C ASP A 2 13.31 -7.10 -6.33
N GLU A 3 12.19 -6.45 -6.59
CA GLU A 3 11.63 -6.37 -7.93
C GLU A 3 11.60 -4.92 -8.42
N ASN A 4 11.20 -4.03 -7.52
CA ASN A 4 11.12 -2.62 -7.84
C ASN A 4 11.14 -1.78 -6.56
N ILE A 5 10.26 -2.14 -5.63
CA ILE A 5 10.16 -1.44 -4.35
C ILE A 5 10.42 -2.39 -3.18
N ASN A 6 11.56 -2.24 -2.55
CA ASN A 6 11.92 -3.09 -1.40
C ASN A 6 10.95 -2.87 -0.25
N PHE A 7 11.19 -3.57 0.86
CA PHE A 7 10.35 -3.45 2.04
C PHE A 7 11.18 -3.51 3.31
N LYS A 8 12.49 -3.68 3.14
CA LYS A 8 13.40 -3.75 4.27
C LYS A 8 13.64 -2.37 4.88
N GLN A 9 13.01 -1.36 4.30
CA GLN A 9 13.16 0.02 4.78
C GLN A 9 12.14 0.32 5.88
N SER A 10 12.30 1.47 6.53
CA SER A 10 11.40 1.87 7.60
C SER A 10 10.24 2.69 7.04
N GLU A 11 10.41 3.21 5.83
CA GLU A 11 9.37 4.00 5.19
C GLU A 11 9.18 3.58 3.73
N LEU A 12 7.93 3.33 3.35
CA LEU A 12 7.60 2.91 1.99
C LEU A 12 6.76 3.98 1.29
N PRO A 13 7.27 4.56 0.19
CA PRO A 13 6.55 5.59 -0.55
C PRO A 13 5.22 5.07 -1.13
N VAL A 14 4.13 5.73 -0.78
CA VAL A 14 2.81 5.35 -1.26
C VAL A 14 2.18 6.49 -2.03
N THR A 15 1.32 6.17 -2.99
CA THR A 15 0.66 7.19 -3.80
C THR A 15 -0.76 6.78 -4.17
N CYS A 16 -1.73 7.37 -3.48
CA CYS A 16 -3.13 7.07 -3.75
C CYS A 16 -3.80 8.25 -4.47
N GLY A 17 -4.01 8.09 -5.77
CA GLY A 17 -4.64 9.13 -6.55
C GLY A 17 -3.90 10.46 -6.46
N GLU A 18 -2.62 10.45 -6.85
CA GLU A 18 -1.79 11.65 -6.82
C GLU A 18 -1.52 12.08 -5.38
N VAL A 19 -2.09 11.36 -4.42
CA VAL A 19 -1.92 11.66 -3.01
C VAL A 19 -0.81 10.81 -2.40
N LYS A 20 0.41 11.35 -2.38
CA LYS A 20 1.56 10.64 -1.84
C LYS A 20 1.49 10.57 -0.32
N GLY A 21 2.37 9.74 0.26
CA GLY A 21 2.42 9.57 1.70
C GLY A 21 3.55 8.66 2.11
N THR A 22 3.83 8.62 3.41
CA THR A 22 4.90 7.77 3.94
C THR A 22 4.33 6.59 4.71
N LEU A 23 4.67 5.39 4.27
CA LEU A 23 4.19 4.17 4.92
C LEU A 23 5.15 3.71 6.01
N TYR A 24 4.60 3.45 7.20
CA TYR A 24 5.41 3.00 8.34
C TYR A 24 5.35 1.49 8.48
N LYS A 25 6.52 0.85 8.53
CA LYS A 25 6.60 -0.60 8.66
C LYS A 25 6.15 -1.06 10.05
N GLU A 26 6.38 -0.22 11.05
CA GLU A 26 5.99 -0.54 12.42
C GLU A 26 4.49 -0.83 12.53
N ARG A 27 3.73 -0.37 11.55
CA ARG A 27 2.29 -0.57 11.54
C ARG A 27 1.84 -1.33 10.29
N PHE A 28 2.64 -1.22 9.23
CA PHE A 28 2.33 -1.89 7.97
C PHE A 28 2.25 -3.41 8.16
N LYS A 29 2.87 -3.89 9.23
CA LYS A 29 2.87 -5.33 9.54
C LYS A 29 1.43 -5.86 9.58
N GLN A 30 0.47 -4.95 9.67
CA GLN A 30 -0.93 -5.32 9.71
C GLN A 30 -1.68 -4.74 8.51
N GLY A 31 -1.04 -3.79 7.83
CA GLY A 31 -1.64 -3.18 6.66
C GLY A 31 -2.90 -2.38 6.99
N THR A 32 -4.00 -2.72 6.34
CA THR A 32 -5.27 -2.04 6.54
C THR A 32 -5.77 -2.12 7.98
N SER A 33 -5.02 -2.81 8.84
CA SER A 33 -5.42 -2.94 10.24
C SER A 33 -4.82 -1.83 11.10
N LYS A 34 -4.08 -0.93 10.47
CA LYS A 34 -3.46 0.19 11.16
C LYS A 34 -3.12 1.32 10.20
N LYS A 35 -2.96 2.52 10.75
CA LYS A 35 -2.64 3.70 9.94
C LYS A 35 -1.14 3.99 9.97
N CYS A 36 -0.45 3.64 8.88
CA CYS A 36 0.99 3.86 8.78
C CYS A 36 1.32 4.83 7.65
N ILE A 37 0.29 5.34 6.99
CA ILE A 37 0.48 6.29 5.89
C ILE A 37 0.40 7.73 6.38
N GLN A 38 1.47 8.49 6.16
CA GLN A 38 1.51 9.88 6.57
C GLN A 38 1.14 10.79 5.41
N SER A 39 0.02 11.49 5.56
CA SER A 39 -0.46 12.39 4.53
C SER A 39 -0.87 13.73 5.12
N GLU A 40 -1.15 14.68 4.24
CA GLU A 40 -1.57 16.03 4.63
C GLU A 40 -0.39 16.86 5.13
N ASP A 41 0.32 16.37 6.15
CA ASP A 41 1.48 17.08 6.69
C ASP A 41 2.08 16.36 7.90
N LYS A 42 1.26 15.57 8.59
CA LYS A 42 1.73 14.84 9.77
C LYS A 42 0.65 13.95 10.36
N LYS A 43 -0.38 13.67 9.56
CA LYS A 43 -1.48 12.82 10.01
C LYS A 43 -1.40 11.44 9.37
N TRP A 44 -1.75 10.41 10.14
CA TRP A 44 -1.70 9.04 9.65
C TRP A 44 -3.08 8.56 9.21
N PHE A 45 -3.10 7.80 8.12
CA PHE A 45 -4.35 7.25 7.58
C PHE A 45 -4.23 5.76 7.33
N THR A 46 -5.37 5.08 7.23
CA THR A 46 -5.39 3.65 6.96
C THR A 46 -5.57 3.42 5.47
N PRO A 47 -5.08 2.28 4.93
CA PRO A 47 -5.19 1.98 3.50
C PRO A 47 -6.59 2.24 2.94
N ARG A 48 -7.59 2.26 3.83
CA ARG A 48 -8.97 2.52 3.41
C ARG A 48 -9.27 4.02 3.44
N GLU A 49 -8.85 4.67 4.51
CA GLU A 49 -9.06 6.11 4.68
C GLU A 49 -8.24 6.88 3.65
N PHE A 50 -7.17 6.25 3.18
CA PHE A 50 -6.30 6.85 2.19
C PHE A 50 -6.93 6.76 0.81
N GLU A 51 -7.62 5.65 0.55
CA GLU A 51 -8.28 5.46 -0.73
C GLU A 51 -9.40 6.49 -0.88
N ILE A 52 -10.02 6.82 0.25
CA ILE A 52 -11.10 7.80 0.28
C ILE A 52 -10.58 9.19 -0.07
N GLU A 53 -9.41 9.54 0.48
CA GLU A 53 -8.80 10.84 0.24
C GLU A 53 -8.17 10.89 -1.15
N GLY A 54 -7.71 9.73 -1.63
CA GLY A 54 -7.10 9.66 -2.94
C GLY A 54 -8.12 9.43 -4.03
N ASP A 55 -9.38 9.34 -3.64
CA ASP A 55 -10.47 9.13 -4.58
C ASP A 55 -11.78 9.63 -4.00
N ARG A 56 -12.41 8.83 -3.16
CA ARG A 56 -13.68 9.18 -2.54
C ARG A 56 -14.16 8.09 -1.59
N GLY A 57 -13.84 6.84 -1.94
CA GLY A 57 -14.25 5.72 -1.12
C GLY A 57 -15.10 4.74 -1.91
N ALA A 58 -15.77 5.25 -2.94
CA ALA A 58 -16.62 4.43 -3.79
C ALA A 58 -15.79 3.44 -4.58
N SER A 59 -14.48 3.70 -4.65
CA SER A 59 -13.57 2.82 -5.39
C SER A 59 -13.60 1.41 -4.82
N LYS A 60 -13.96 1.29 -3.56
CA LYS A 60 -14.04 -0.01 -2.88
C LYS A 60 -12.66 -0.66 -2.76
N ASN A 61 -12.21 -1.27 -3.85
CA ASN A 61 -10.91 -1.95 -3.86
C ASN A 61 -9.78 -0.96 -3.56
N TRP A 62 -9.19 -1.10 -2.38
CA TRP A 62 -8.09 -0.23 -1.97
C TRP A 62 -6.75 -0.78 -2.46
N LYS A 63 -6.72 -2.08 -2.75
CA LYS A 63 -5.51 -2.73 -3.22
C LYS A 63 -5.06 -2.18 -4.56
N LEU A 64 -5.99 -1.54 -5.27
CA LEU A 64 -5.68 -0.97 -6.58
C LEU A 64 -5.78 0.55 -6.56
N SER A 65 -6.59 1.08 -5.65
CA SER A 65 -6.77 2.53 -5.54
C SER A 65 -5.49 3.21 -5.08
N ILE A 66 -4.66 2.48 -4.33
CA ILE A 66 -3.41 3.03 -3.82
C ILE A 66 -2.20 2.32 -4.45
N ARG A 67 -1.17 3.10 -4.74
CA ARG A 67 0.05 2.56 -5.34
C ARG A 67 1.21 2.67 -4.37
N CYS A 68 2.30 1.98 -4.67
CA CYS A 68 3.49 2.01 -3.81
C CYS A 68 4.77 2.00 -4.64
N GLY A 69 5.36 3.18 -4.81
CA GLY A 69 6.59 3.29 -5.58
C GLY A 69 6.43 2.81 -7.02
N GLY A 70 5.20 2.45 -7.38
CA GLY A 70 4.95 1.98 -8.73
C GLY A 70 3.79 1.00 -8.78
N TYR A 71 3.90 -0.10 -8.05
CA TYR A 71 2.86 -1.11 -8.03
C TYR A 71 1.95 -0.94 -6.82
N THR A 72 0.66 -1.14 -7.04
CA THR A 72 -0.34 -1.02 -5.97
C THR A 72 -0.20 -2.16 -4.96
N LEU A 73 -0.87 -2.02 -3.82
CA LEU A 73 -0.82 -3.06 -2.79
C LEU A 73 -1.25 -4.39 -3.37
N LYS A 74 -2.11 -4.34 -4.39
CA LYS A 74 -2.59 -5.54 -5.05
C LYS A 74 -1.43 -6.33 -5.63
N VAL A 75 -0.49 -5.62 -6.24
CA VAL A 75 0.69 -6.23 -6.83
C VAL A 75 1.75 -6.50 -5.76
N LEU A 76 1.90 -5.55 -4.83
CA LEU A 76 2.88 -5.69 -3.76
C LEU A 76 2.53 -6.89 -2.89
N MET A 77 1.24 -7.20 -2.80
CA MET A 77 0.79 -8.34 -2.02
C MET A 77 0.83 -9.60 -2.88
N GLU A 78 1.04 -9.40 -4.17
CA GLU A 78 1.12 -10.49 -5.12
C GLU A 78 2.57 -10.91 -5.36
N ASN A 79 3.50 -9.99 -5.10
CA ASN A 79 4.92 -10.27 -5.29
C ASN A 79 5.51 -11.01 -4.10
N LYS A 80 5.75 -10.29 -3.00
CA LYS A 80 6.31 -10.89 -1.78
C LYS A 80 6.79 -9.81 -0.81
N PHE A 81 6.24 -8.60 -0.92
CA PHE A 81 6.64 -7.50 -0.05
C PHE A 81 5.62 -7.28 1.06
N LEU A 82 4.39 -7.72 0.84
CA LEU A 82 3.33 -7.57 1.83
C LEU A 82 3.31 -8.73 2.81
N PRO A 83 3.07 -8.45 4.11
CA PRO A 83 3.02 -9.48 5.15
C PRO A 83 1.78 -10.36 5.04
N GLU A 84 0.82 -9.93 4.24
CA GLU A 84 -0.42 -10.67 4.04
C GLU A 84 -0.14 -12.10 3.57
N PRO A 85 -1.10 -13.02 3.76
CA PRO A 85 -0.96 -14.42 3.35
C PRO A 85 -0.50 -14.56 1.90
N PRO A 86 -0.05 -15.77 1.50
CA PRO A 86 0.42 -16.02 0.13
C PRO A 86 -0.52 -15.46 -0.94
N SER A 87 0.03 -15.18 -2.10
CA SER A 87 -0.76 -14.62 -3.21
C SER A 87 -0.81 -15.59 -4.39
N THR A 88 -1.99 -16.18 -4.59
CA THR A 88 -2.24 -17.14 -5.68
C THR A 88 -1.53 -18.47 -5.45
N ARG A 89 -0.21 -18.43 -5.23
CA ARG A 89 0.58 -19.64 -5.00
C ARG A 89 0.59 -20.53 -6.25
N LYS A 90 1.45 -21.54 -6.24
CA LYS A 90 1.57 -22.48 -7.35
C LYS A 90 2.00 -21.75 -8.63
N LYS A 91 2.37 -20.48 -8.50
CA LYS A 91 2.79 -19.68 -9.64
C LYS A 91 1.80 -19.77 -10.79
N VAL A 92 0.57 -19.33 -10.54
CA VAL A 92 -0.48 -19.36 -11.55
C VAL A 92 -0.42 -18.10 -12.42
N THR A 93 0.80 -17.67 -12.74
CA THR A 93 1.01 -16.48 -13.55
C THR A 93 0.52 -15.22 -12.86
N ILE A 94 1.04 -14.07 -13.29
CA ILE A 94 0.65 -12.79 -12.71
C ILE A 94 -0.81 -12.46 -13.03
N LYS A 95 -1.47 -11.80 -12.09
CA LYS A 95 -2.87 -11.41 -12.27
C LYS A 95 -3.75 -12.65 -12.47
N MET A 1 15.96 -10.60 -3.37
CA MET A 1 15.37 -9.77 -2.28
C MET A 1 14.10 -9.07 -2.74
N ASP A 2 14.26 -8.00 -3.51
CA ASP A 2 13.13 -7.24 -4.03
C ASP A 2 13.17 -7.19 -5.55
N GLU A 3 12.25 -6.43 -6.14
CA GLU A 3 12.18 -6.30 -7.59
C GLU A 3 12.26 -4.84 -8.00
N ASN A 4 11.61 -3.97 -7.24
CA ASN A 4 11.61 -2.55 -7.52
C ASN A 4 11.54 -1.75 -6.22
N ILE A 5 10.57 -2.08 -5.37
CA ILE A 5 10.40 -1.39 -4.10
C ILE A 5 10.64 -2.34 -2.94
N ASN A 6 11.77 -2.14 -2.25
CA ASN A 6 12.12 -2.98 -1.11
C ASN A 6 11.46 -2.46 0.16
N PHE A 7 10.64 -3.31 0.77
CA PHE A 7 9.93 -2.94 1.99
C PHE A 7 10.78 -3.25 3.23
N LYS A 8 11.96 -3.80 3.01
CA LYS A 8 12.86 -4.13 4.10
C LYS A 8 13.39 -2.88 4.80
N GLN A 9 12.98 -1.71 4.31
CA GLN A 9 13.41 -0.44 4.89
C GLN A 9 12.54 -0.08 6.09
N SER A 10 12.50 1.21 6.42
CA SER A 10 11.69 1.69 7.54
C SER A 10 10.48 2.46 7.05
N GLU A 11 10.60 3.04 5.87
CA GLU A 11 9.51 3.82 5.28
C GLU A 11 9.37 3.52 3.78
N LEU A 12 8.14 3.21 3.37
CA LEU A 12 7.87 2.90 1.97
C LEU A 12 6.96 3.97 1.35
N PRO A 13 7.32 4.47 0.15
CA PRO A 13 6.53 5.50 -0.53
C PRO A 13 5.20 4.97 -1.05
N VAL A 14 4.16 5.79 -0.94
CA VAL A 14 2.83 5.41 -1.41
C VAL A 14 2.20 6.55 -2.20
N THR A 15 1.34 6.20 -3.15
CA THR A 15 0.68 7.21 -3.98
C THR A 15 -0.76 6.81 -4.31
N CYS A 16 -1.72 7.50 -3.71
CA CYS A 16 -3.13 7.20 -3.96
C CYS A 16 -3.83 8.38 -4.64
N GLY A 17 -4.06 8.26 -5.94
CA GLY A 17 -4.72 9.31 -6.68
C GLY A 17 -4.00 10.65 -6.55
N GLU A 18 -2.73 10.68 -6.95
CA GLU A 18 -1.92 11.88 -6.89
C GLU A 18 -1.64 12.27 -5.44
N VAL A 19 -2.16 11.47 -4.51
CA VAL A 19 -1.96 11.73 -3.08
C VAL A 19 -0.86 10.85 -2.50
N LYS A 20 0.36 11.37 -2.51
CA LYS A 20 1.51 10.63 -1.98
C LYS A 20 1.43 10.48 -0.47
N GLY A 21 2.40 9.78 0.09
CA GLY A 21 2.45 9.56 1.53
C GLY A 21 3.60 8.67 1.95
N THR A 22 3.78 8.50 3.25
CA THR A 22 4.85 7.67 3.78
C THR A 22 4.29 6.51 4.60
N LEU A 23 4.70 5.29 4.26
CA LEU A 23 4.25 4.11 4.97
C LEU A 23 5.23 3.69 6.07
N TYR A 24 4.71 3.50 7.28
CA TYR A 24 5.54 3.11 8.42
C TYR A 24 5.53 1.59 8.61
N LYS A 25 6.72 1.00 8.69
CA LYS A 25 6.85 -0.44 8.87
C LYS A 25 6.32 -0.90 10.22
N GLU A 26 6.46 -0.04 11.23
CA GLU A 26 6.01 -0.37 12.58
C GLU A 26 4.53 -0.79 12.59
N ARG A 27 3.81 -0.43 11.54
CA ARG A 27 2.40 -0.76 11.41
C ARG A 27 2.16 -1.60 10.15
N PHE A 28 3.06 -1.49 9.20
CA PHE A 28 2.96 -2.22 7.94
C PHE A 28 2.77 -3.72 8.15
N LYS A 29 3.22 -4.22 9.30
CA LYS A 29 3.11 -5.64 9.61
C LYS A 29 1.64 -6.09 9.63
N GLN A 30 0.74 -5.11 9.69
CA GLN A 30 -0.69 -5.38 9.71
C GLN A 30 -1.37 -4.84 8.46
N GLY A 31 -0.67 -3.98 7.74
CA GLY A 31 -1.21 -3.40 6.52
C GLY A 31 -2.42 -2.53 6.76
N THR A 32 -3.55 -2.93 6.18
CA THR A 32 -4.80 -2.18 6.31
C THR A 32 -5.40 -2.27 7.71
N SER A 33 -4.72 -2.97 8.62
CA SER A 33 -5.20 -3.12 9.98
C SER A 33 -4.72 -1.97 10.87
N LYS A 34 -4.00 -1.04 10.26
CA LYS A 34 -3.47 0.11 10.99
C LYS A 34 -3.15 1.26 10.02
N LYS A 35 -3.04 2.46 10.58
CA LYS A 35 -2.73 3.64 9.77
C LYS A 35 -1.24 3.94 9.79
N CYS A 36 -0.55 3.54 8.72
CA CYS A 36 0.89 3.76 8.61
C CYS A 36 1.21 4.76 7.51
N ILE A 37 0.19 5.32 6.89
CA ILE A 37 0.38 6.29 5.82
C ILE A 37 0.29 7.72 6.35
N GLN A 38 1.44 8.36 6.51
CA GLN A 38 1.50 9.73 7.01
C GLN A 38 1.52 10.71 5.85
N SER A 39 0.50 11.56 5.78
CA SER A 39 0.39 12.55 4.72
C SER A 39 0.02 13.92 5.30
N GLU A 40 0.07 14.94 4.45
CA GLU A 40 -0.25 16.31 4.84
C GLU A 40 0.88 16.93 5.67
N ASP A 41 1.25 16.28 6.78
CA ASP A 41 2.31 16.76 7.65
C ASP A 41 2.51 15.85 8.86
N LYS A 42 1.46 15.13 9.23
CA LYS A 42 1.53 14.22 10.38
C LYS A 42 0.20 13.47 10.57
N LYS A 43 -0.62 13.44 9.54
CA LYS A 43 -1.91 12.76 9.61
C LYS A 43 -1.81 11.36 9.01
N TRP A 44 -1.98 10.34 9.84
CA TRP A 44 -1.90 8.96 9.39
C TRP A 44 -3.28 8.43 9.02
N PHE A 45 -3.35 7.72 7.89
CA PHE A 45 -4.61 7.16 7.42
C PHE A 45 -4.45 5.68 7.08
N THR A 46 -5.56 4.96 7.02
CA THR A 46 -5.55 3.55 6.68
C THR A 46 -5.79 3.39 5.19
N PRO A 47 -5.36 2.27 4.57
CA PRO A 47 -5.54 2.04 3.14
C PRO A 47 -6.96 2.36 2.66
N ARG A 48 -7.90 2.43 3.60
CA ARG A 48 -9.29 2.74 3.28
C ARG A 48 -9.54 4.25 3.33
N GLU A 49 -9.08 4.88 4.41
CA GLU A 49 -9.25 6.33 4.57
C GLU A 49 -8.39 7.08 3.57
N PHE A 50 -7.31 6.45 3.13
CA PHE A 50 -6.40 7.03 2.17
C PHE A 50 -7.00 6.93 0.77
N GLU A 51 -7.66 5.80 0.51
CA GLU A 51 -8.31 5.56 -0.76
C GLU A 51 -9.42 6.58 -0.98
N ILE A 52 -10.05 6.98 0.13
CA ILE A 52 -11.13 7.95 0.08
C ILE A 52 -10.59 9.35 -0.24
N GLU A 53 -9.46 9.70 0.36
CA GLU A 53 -8.86 11.00 0.13
C GLU A 53 -8.21 11.09 -1.25
N GLY A 54 -7.78 9.94 -1.77
CA GLY A 54 -7.14 9.91 -3.07
C GLY A 54 -8.11 9.60 -4.20
N ASP A 55 -8.64 8.38 -4.22
CA ASP A 55 -9.56 7.96 -5.26
C ASP A 55 -11.02 8.24 -4.88
N ARG A 56 -11.22 9.21 -3.99
CA ARG A 56 -12.56 9.57 -3.55
C ARG A 56 -13.28 8.41 -2.87
N GLY A 57 -12.58 7.30 -2.68
CA GLY A 57 -13.18 6.13 -2.04
C GLY A 57 -13.99 5.29 -3.00
N ALA A 58 -14.48 5.92 -4.07
CA ALA A 58 -15.30 5.22 -5.06
C ALA A 58 -14.53 4.06 -5.70
N SER A 59 -13.22 4.05 -5.50
CA SER A 59 -12.36 3.00 -6.05
C SER A 59 -12.70 1.64 -5.44
N LYS A 60 -13.42 1.67 -4.31
CA LYS A 60 -13.80 0.44 -3.62
C LYS A 60 -12.58 -0.33 -3.13
N ASN A 61 -11.98 -1.12 -4.01
CA ASN A 61 -10.80 -1.90 -3.65
C ASN A 61 -9.63 -0.98 -3.31
N TRP A 62 -9.16 -1.06 -2.08
CA TRP A 62 -8.05 -0.24 -1.62
C TRP A 62 -6.71 -0.80 -2.08
N LYS A 63 -6.70 -2.10 -2.40
CA LYS A 63 -5.47 -2.75 -2.84
C LYS A 63 -5.00 -2.17 -4.17
N LEU A 64 -5.93 -1.56 -4.90
CA LEU A 64 -5.60 -0.96 -6.19
C LEU A 64 -5.76 0.56 -6.14
N SER A 65 -6.62 1.03 -5.24
CA SER A 65 -6.87 2.45 -5.08
C SER A 65 -5.59 3.20 -4.72
N ILE A 66 -4.67 2.52 -4.05
CA ILE A 66 -3.41 3.13 -3.64
C ILE A 66 -2.21 2.39 -4.24
N ARG A 67 -1.18 3.14 -4.60
CA ARG A 67 0.04 2.57 -5.17
C ARG A 67 1.16 2.57 -4.13
N CYS A 68 2.21 1.80 -4.40
CA CYS A 68 3.34 1.72 -3.48
C CYS A 68 4.66 1.78 -4.24
N GLY A 69 5.25 2.98 -4.30
CA GLY A 69 6.52 3.16 -4.99
C GLY A 69 6.42 2.81 -6.47
N GLY A 70 5.22 2.44 -6.91
CA GLY A 70 5.01 2.08 -8.31
C GLY A 70 3.83 1.16 -8.48
N TYR A 71 3.87 0.00 -7.83
CA TYR A 71 2.80 -0.97 -7.91
C TYR A 71 1.90 -0.90 -6.67
N THR A 72 0.59 -1.02 -6.89
CA THR A 72 -0.38 -0.96 -5.80
C THR A 72 -0.19 -2.13 -4.83
N LEU A 73 -0.84 -2.05 -3.67
CA LEU A 73 -0.74 -3.11 -2.66
C LEU A 73 -1.21 -4.42 -3.25
N LYS A 74 -2.12 -4.35 -4.23
CA LYS A 74 -2.64 -5.53 -4.88
C LYS A 74 -1.51 -6.25 -5.61
N VAL A 75 -0.62 -5.46 -6.21
CA VAL A 75 0.51 -6.02 -6.94
C VAL A 75 1.60 -6.45 -5.97
N LEU A 76 1.79 -5.65 -4.92
CA LEU A 76 2.80 -5.95 -3.92
C LEU A 76 2.41 -7.21 -3.15
N MET A 77 1.10 -7.44 -3.02
CA MET A 77 0.61 -8.61 -2.33
C MET A 77 0.64 -9.81 -3.26
N GLU A 78 0.88 -9.53 -4.54
CA GLU A 78 0.96 -10.58 -5.55
C GLU A 78 2.42 -10.99 -5.78
N ASN A 79 3.35 -10.07 -5.51
CA ASN A 79 4.76 -10.35 -5.70
C ASN A 79 5.33 -11.12 -4.51
N LYS A 80 5.51 -10.43 -3.39
CA LYS A 80 6.04 -11.03 -2.15
C LYS A 80 6.52 -9.96 -1.17
N PHE A 81 5.87 -8.80 -1.20
CA PHE A 81 6.25 -7.70 -0.32
C PHE A 81 5.29 -7.57 0.86
N LEU A 82 4.19 -8.30 0.81
CA LEU A 82 3.19 -8.27 1.88
C LEU A 82 3.03 -9.64 2.53
N PRO A 83 2.70 -9.67 3.84
CA PRO A 83 2.51 -10.92 4.57
C PRO A 83 1.09 -11.48 4.45
N GLU A 84 0.19 -11.00 5.31
CA GLU A 84 -1.20 -11.45 5.30
C GLU A 84 -1.81 -11.36 3.90
N PRO A 85 -1.71 -10.19 3.24
CA PRO A 85 -2.25 -10.01 1.90
C PRO A 85 -1.96 -11.21 0.99
N PRO A 86 -3.01 -11.99 0.65
CA PRO A 86 -2.88 -13.18 -0.20
C PRO A 86 -1.87 -13.01 -1.32
N SER A 87 -1.17 -14.10 -1.64
CA SER A 87 -0.16 -14.07 -2.70
C SER A 87 -0.11 -15.41 -3.44
N THR A 88 0.24 -15.34 -4.72
CA THR A 88 0.35 -16.53 -5.57
C THR A 88 -0.90 -17.40 -5.47
N ARG A 89 -1.85 -17.17 -6.37
CA ARG A 89 -3.09 -17.94 -6.40
C ARG A 89 -3.58 -18.14 -7.83
N LYS A 90 -3.40 -19.36 -8.34
CA LYS A 90 -3.83 -19.69 -9.70
C LYS A 90 -3.12 -18.82 -10.73
N LYS A 91 -1.99 -18.23 -10.34
CA LYS A 91 -1.22 -17.37 -11.22
C LYS A 91 -2.08 -16.25 -11.80
N VAL A 92 -2.89 -15.65 -10.95
CA VAL A 92 -3.77 -14.56 -11.37
C VAL A 92 -2.97 -13.35 -11.82
N THR A 93 -3.33 -12.79 -12.97
CA THR A 93 -2.65 -11.63 -13.52
C THR A 93 -3.54 -10.38 -13.46
N ILE A 94 -2.91 -9.21 -13.41
CA ILE A 94 -3.63 -7.95 -13.35
C ILE A 94 -2.79 -6.81 -13.91
N LYS A 95 -3.46 -5.78 -14.42
CA LYS A 95 -2.78 -4.62 -14.98
C LYS A 95 -3.30 -3.32 -14.35
N MET A 1 9.35 -5.29 -12.24
CA MET A 1 8.38 -6.16 -11.53
C MET A 1 8.64 -6.12 -10.01
N ASP A 2 9.90 -6.22 -9.62
CA ASP A 2 10.27 -6.19 -8.21
C ASP A 2 11.78 -6.01 -8.06
N GLU A 3 12.18 -4.88 -7.49
CA GLU A 3 13.60 -4.58 -7.30
C GLU A 3 13.80 -3.26 -6.56
N ASN A 4 13.51 -2.17 -7.26
CA ASN A 4 13.68 -0.83 -6.72
C ASN A 4 12.93 -0.65 -5.39
N ILE A 5 11.61 -0.78 -5.42
CA ILE A 5 10.80 -0.62 -4.22
C ILE A 5 10.74 -1.91 -3.41
N ASN A 6 11.55 -1.97 -2.36
CA ASN A 6 11.58 -3.14 -1.50
C ASN A 6 10.43 -3.08 -0.48
N PHE A 7 10.63 -3.67 0.70
CA PHE A 7 9.60 -3.66 1.73
C PHE A 7 10.20 -3.64 3.13
N LYS A 8 11.53 -3.66 3.21
CA LYS A 8 12.21 -3.66 4.49
C LYS A 8 12.54 -2.24 4.96
N GLN A 9 12.20 -1.26 4.13
CA GLN A 9 12.47 0.14 4.47
C GLN A 9 11.45 0.65 5.47
N SER A 10 11.92 1.37 6.49
CA SER A 10 11.05 1.92 7.52
C SER A 10 10.05 2.91 6.93
N GLU A 11 10.25 3.27 5.66
CA GLU A 11 9.37 4.20 4.98
C GLU A 11 9.11 3.77 3.54
N LEU A 12 7.91 3.27 3.29
CA LEU A 12 7.53 2.81 1.95
C LEU A 12 6.66 3.87 1.26
N PRO A 13 7.20 4.53 0.23
CA PRO A 13 6.47 5.57 -0.50
C PRO A 13 5.22 5.02 -1.17
N VAL A 14 4.07 5.60 -0.81
CA VAL A 14 2.79 5.19 -1.37
C VAL A 14 2.14 6.34 -2.12
N THR A 15 1.32 6.03 -3.10
CA THR A 15 0.64 7.06 -3.89
C THR A 15 -0.77 6.65 -4.25
N CYS A 16 -1.75 7.24 -3.58
CA CYS A 16 -3.15 6.94 -3.85
C CYS A 16 -3.85 8.12 -4.51
N GLY A 17 -4.08 8.02 -5.80
CA GLY A 17 -4.74 9.09 -6.53
C GLY A 17 -3.97 10.39 -6.45
N GLU A 18 -2.71 10.35 -6.89
CA GLU A 18 -1.85 11.54 -6.88
C GLU A 18 -1.54 11.96 -5.44
N VAL A 19 -2.09 11.25 -4.47
CA VAL A 19 -1.89 11.54 -3.07
C VAL A 19 -0.77 10.69 -2.48
N LYS A 20 0.43 11.24 -2.42
CA LYS A 20 1.58 10.53 -1.88
C LYS A 20 1.50 10.42 -0.36
N GLY A 21 2.37 9.60 0.22
CA GLY A 21 2.38 9.42 1.66
C GLY A 21 3.49 8.48 2.10
N THR A 22 3.83 8.54 3.39
CA THR A 22 4.89 7.69 3.93
C THR A 22 4.30 6.52 4.73
N LEU A 23 4.56 5.31 4.26
CA LEU A 23 4.06 4.10 4.93
C LEU A 23 5.07 3.60 5.97
N TYR A 24 4.62 3.47 7.20
CA TYR A 24 5.48 3.00 8.29
C TYR A 24 5.31 1.50 8.52
N LYS A 25 6.44 0.79 8.61
CA LYS A 25 6.43 -0.65 8.83
C LYS A 25 5.90 -1.00 10.21
N GLU A 26 6.16 -0.14 11.18
CA GLU A 26 5.72 -0.36 12.56
C GLU A 26 4.21 -0.63 12.62
N ARG A 27 3.51 -0.23 11.57
CA ARG A 27 2.06 -0.43 11.50
C ARG A 27 1.68 -1.22 10.26
N PHE A 28 2.52 -1.14 9.22
CA PHE A 28 2.28 -1.84 7.98
C PHE A 28 2.18 -3.34 8.21
N LYS A 29 2.73 -3.79 9.34
CA LYS A 29 2.72 -5.20 9.71
C LYS A 29 1.31 -5.80 9.59
N GLN A 30 0.30 -4.93 9.49
CA GLN A 30 -1.09 -5.38 9.35
C GLN A 30 -1.75 -4.77 8.13
N GLY A 31 -1.12 -3.73 7.58
CA GLY A 31 -1.67 -3.08 6.40
C GLY A 31 -2.92 -2.29 6.69
N THR A 32 -4.04 -2.72 6.10
CA THR A 32 -5.33 -2.05 6.29
C THR A 32 -5.89 -2.20 7.70
N SER A 33 -5.01 -2.46 8.67
CA SER A 33 -5.44 -2.61 10.06
C SER A 33 -4.69 -1.63 10.97
N LYS A 34 -3.84 -0.80 10.37
CA LYS A 34 -3.07 0.18 11.11
C LYS A 34 -2.66 1.35 10.21
N LYS A 35 -3.06 2.55 10.60
CA LYS A 35 -2.73 3.75 9.83
C LYS A 35 -1.24 4.06 9.91
N CYS A 36 -0.52 3.76 8.85
CA CYS A 36 0.92 4.00 8.81
C CYS A 36 1.30 5.00 7.72
N ILE A 37 0.29 5.53 7.03
CA ILE A 37 0.52 6.49 5.96
C ILE A 37 0.43 7.92 6.47
N GLN A 38 1.57 8.59 6.58
CA GLN A 38 1.62 9.96 7.05
C GLN A 38 1.45 10.95 5.90
N SER A 39 0.41 11.75 5.96
CA SER A 39 0.13 12.74 4.93
C SER A 39 0.72 14.09 5.29
N GLU A 40 0.74 15.00 4.31
CA GLU A 40 1.28 16.34 4.51
C GLU A 40 0.60 17.07 5.67
N ASP A 41 -0.57 16.57 6.07
CA ASP A 41 -1.32 17.18 7.17
C ASP A 41 -0.83 16.65 8.51
N LYS A 42 0.37 16.06 8.51
CA LYS A 42 0.94 15.49 9.73
C LYS A 42 -0.05 14.55 10.40
N LYS A 43 -0.79 13.81 9.58
CA LYS A 43 -1.78 12.87 10.09
C LYS A 43 -1.67 11.52 9.37
N TRP A 44 -1.77 10.44 10.14
CA TRP A 44 -1.67 9.10 9.59
C TRP A 44 -3.04 8.55 9.19
N PHE A 45 -3.10 7.94 8.01
CA PHE A 45 -4.33 7.36 7.50
C PHE A 45 -4.17 5.86 7.26
N THR A 46 -5.28 5.15 7.19
CA THR A 46 -5.26 3.71 6.93
C THR A 46 -5.47 3.45 5.45
N PRO A 47 -4.99 2.31 4.92
CA PRO A 47 -5.14 1.98 3.49
C PRO A 47 -6.58 2.20 2.98
N ARG A 48 -7.52 2.29 3.91
CA ARG A 48 -8.93 2.52 3.56
C ARG A 48 -9.23 4.02 3.52
N GLU A 49 -8.99 4.70 4.63
CA GLU A 49 -9.22 6.14 4.73
C GLU A 49 -8.38 6.88 3.69
N PHE A 50 -7.29 6.25 3.27
CA PHE A 50 -6.40 6.83 2.28
C PHE A 50 -7.02 6.73 0.90
N GLU A 51 -7.68 5.60 0.63
CA GLU A 51 -8.36 5.39 -0.64
C GLU A 51 -9.40 6.48 -0.84
N ILE A 52 -10.00 6.90 0.27
CA ILE A 52 -11.00 7.95 0.26
C ILE A 52 -10.37 9.31 0.00
N GLU A 53 -9.19 9.52 0.60
CA GLU A 53 -8.47 10.79 0.45
C GLU A 53 -7.90 10.94 -0.95
N GLY A 54 -7.57 9.81 -1.57
CA GLY A 54 -7.01 9.85 -2.92
C GLY A 54 -8.09 9.73 -3.98
N ASP A 55 -8.79 8.60 -3.99
CA ASP A 55 -9.84 8.37 -4.96
C ASP A 55 -11.04 9.26 -4.69
N ARG A 56 -11.83 8.90 -3.66
CA ARG A 56 -13.02 9.67 -3.29
C ARG A 56 -13.81 8.96 -2.20
N GLY A 57 -13.77 7.63 -2.23
CA GLY A 57 -14.49 6.85 -1.25
C GLY A 57 -15.51 5.94 -1.90
N ALA A 58 -15.99 6.34 -3.08
CA ALA A 58 -16.97 5.57 -3.82
C ALA A 58 -16.36 4.25 -4.27
N SER A 59 -15.04 4.13 -4.14
CA SER A 59 -14.33 2.92 -4.52
C SER A 59 -14.56 1.82 -3.48
N LYS A 60 -13.53 1.00 -3.26
CA LYS A 60 -13.62 -0.09 -2.29
C LYS A 60 -12.29 -0.84 -2.21
N ASN A 61 -11.84 -1.34 -3.36
CA ASN A 61 -10.58 -2.08 -3.42
C ASN A 61 -9.39 -1.14 -3.23
N TRP A 62 -8.88 -1.09 -2.01
CA TRP A 62 -7.74 -0.23 -1.69
C TRP A 62 -6.44 -0.80 -2.26
N LYS A 63 -6.44 -2.10 -2.53
CA LYS A 63 -5.26 -2.76 -3.06
C LYS A 63 -4.96 -2.28 -4.48
N LEU A 64 -5.97 -1.73 -5.14
CA LEU A 64 -5.80 -1.24 -6.50
C LEU A 64 -5.89 0.29 -6.56
N SER A 65 -6.59 0.88 -5.61
CA SER A 65 -6.75 2.33 -5.58
C SER A 65 -5.47 3.02 -5.11
N ILE A 66 -4.69 2.35 -4.28
CA ILE A 66 -3.45 2.92 -3.77
C ILE A 66 -2.24 2.23 -4.39
N ARG A 67 -1.19 3.02 -4.67
CA ARG A 67 0.02 2.50 -5.25
C ARG A 67 1.18 2.55 -4.26
N CYS A 68 2.28 1.87 -4.58
CA CYS A 68 3.44 1.85 -3.71
C CYS A 68 4.72 1.97 -4.52
N GLY A 69 5.26 3.19 -4.59
CA GLY A 69 6.48 3.42 -5.35
C GLY A 69 6.36 2.98 -6.79
N GLY A 70 5.14 2.67 -7.21
CA GLY A 70 4.91 2.23 -8.57
C GLY A 70 3.77 1.24 -8.68
N TYR A 71 3.93 0.09 -8.01
CA TYR A 71 2.91 -0.95 -8.04
C TYR A 71 1.99 -0.85 -6.82
N THR A 72 0.70 -1.10 -7.04
CA THR A 72 -0.29 -1.04 -5.97
C THR A 72 -0.11 -2.21 -5.00
N LEU A 73 -0.85 -2.18 -3.88
CA LEU A 73 -0.78 -3.24 -2.90
C LEU A 73 -1.20 -4.55 -3.53
N LYS A 74 -2.10 -4.46 -4.50
CA LYS A 74 -2.59 -5.63 -5.22
C LYS A 74 -1.44 -6.28 -5.97
N VAL A 75 -0.59 -5.44 -6.55
CA VAL A 75 0.57 -5.92 -7.30
C VAL A 75 1.68 -6.36 -6.35
N LEU A 76 1.84 -5.64 -5.24
CA LEU A 76 2.87 -5.97 -4.27
C LEU A 76 2.56 -7.31 -3.63
N MET A 77 1.26 -7.60 -3.49
CA MET A 77 0.83 -8.86 -2.92
C MET A 77 0.90 -9.95 -3.97
N GLU A 78 1.13 -9.53 -5.22
CA GLU A 78 1.23 -10.44 -6.34
C GLU A 78 2.70 -10.67 -6.72
N ASN A 79 3.55 -9.70 -6.37
CA ASN A 79 4.98 -9.78 -6.67
C ASN A 79 5.74 -10.46 -5.54
N LYS A 80 6.01 -9.70 -4.48
CA LYS A 80 6.74 -10.24 -3.33
C LYS A 80 6.71 -9.28 -2.13
N PHE A 81 5.89 -8.24 -2.22
CA PHE A 81 5.77 -7.26 -1.14
C PHE A 81 4.37 -7.29 -0.55
N LEU A 82 3.83 -8.51 -0.40
CA LEU A 82 2.50 -8.72 0.15
C LEU A 82 2.28 -7.91 1.42
N PRO A 83 1.03 -7.52 1.70
CA PRO A 83 0.67 -6.73 2.88
C PRO A 83 0.44 -7.59 4.12
N GLU A 84 -0.53 -8.50 4.04
CA GLU A 84 -0.86 -9.36 5.18
C GLU A 84 -0.21 -10.74 5.06
N PRO A 85 -0.46 -11.49 3.95
CA PRO A 85 0.11 -12.82 3.77
C PRO A 85 1.58 -12.80 3.36
N PRO A 86 2.31 -13.90 3.57
CA PRO A 86 3.73 -13.99 3.22
C PRO A 86 3.93 -14.45 1.78
N SER A 87 5.20 -14.61 1.39
CA SER A 87 5.53 -15.04 0.03
C SER A 87 6.73 -15.98 0.03
N THR A 88 6.70 -16.96 -0.87
CA THR A 88 7.78 -17.93 -0.98
C THR A 88 7.66 -18.74 -2.26
N ARG A 89 6.84 -18.27 -3.19
CA ARG A 89 6.64 -18.96 -4.45
C ARG A 89 6.06 -18.01 -5.51
N LYS A 90 5.90 -16.74 -5.14
CA LYS A 90 5.35 -15.74 -6.05
C LYS A 90 3.98 -16.16 -6.55
N LYS A 91 3.06 -16.37 -5.62
CA LYS A 91 1.70 -16.79 -5.96
C LYS A 91 1.02 -15.76 -6.87
N VAL A 92 0.64 -16.22 -8.05
CA VAL A 92 -0.02 -15.36 -9.05
C VAL A 92 0.92 -14.25 -9.53
N THR A 93 1.00 -14.12 -10.86
CA THR A 93 1.85 -13.11 -11.46
C THR A 93 1.23 -12.53 -12.73
N ILE A 94 1.49 -11.25 -12.97
CA ILE A 94 0.95 -10.56 -14.15
C ILE A 94 -0.58 -10.58 -14.15
N LYS A 95 -1.17 -9.48 -13.72
CA LYS A 95 -2.62 -9.35 -13.67
C LYS A 95 -3.24 -9.53 -15.05
N MET A 1 11.23 -3.48 -11.93
CA MET A 1 9.91 -3.71 -11.29
C MET A 1 10.02 -3.70 -9.77
N ASP A 2 10.44 -4.82 -9.19
CA ASP A 2 10.60 -4.94 -7.75
C ASP A 2 12.01 -4.56 -7.33
N GLU A 3 12.37 -4.93 -6.10
CA GLU A 3 13.70 -4.64 -5.54
C GLU A 3 13.86 -3.18 -5.17
N ASN A 4 13.76 -2.32 -6.17
CA ASN A 4 13.90 -0.88 -6.00
C ASN A 4 13.09 -0.37 -4.80
N ILE A 5 12.01 -1.07 -4.46
CA ILE A 5 11.17 -0.68 -3.35
C ILE A 5 11.33 -1.63 -2.16
N ASN A 6 12.50 -1.57 -1.52
CA ASN A 6 12.78 -2.43 -0.38
C ASN A 6 11.69 -2.29 0.68
N PHE A 7 11.03 -3.39 0.98
CA PHE A 7 9.95 -3.40 1.96
C PHE A 7 10.48 -3.64 3.37
N LYS A 8 11.79 -3.84 3.47
CA LYS A 8 12.41 -4.08 4.77
C LYS A 8 12.75 -2.77 5.47
N GLN A 9 12.50 -1.66 4.78
CA GLN A 9 12.79 -0.34 5.33
C GLN A 9 11.81 0.01 6.46
N SER A 10 11.73 1.29 6.79
CA SER A 10 10.83 1.75 7.84
C SER A 10 9.78 2.70 7.28
N GLU A 11 10.06 3.25 6.11
CA GLU A 11 9.13 4.18 5.46
C GLU A 11 9.03 3.91 3.97
N LEU A 12 7.90 3.35 3.55
CA LEU A 12 7.67 3.04 2.14
C LEU A 12 6.77 4.11 1.51
N PRO A 13 7.17 4.63 0.33
CA PRO A 13 6.40 5.66 -0.36
C PRO A 13 5.11 5.12 -0.97
N VAL A 14 3.99 5.77 -0.65
CA VAL A 14 2.69 5.37 -1.17
C VAL A 14 2.10 6.48 -2.03
N THR A 15 1.27 6.11 -2.99
CA THR A 15 0.64 7.09 -3.88
C THR A 15 -0.76 6.68 -4.26
N CYS A 16 -1.75 7.31 -3.63
CA CYS A 16 -3.14 7.01 -3.92
C CYS A 16 -3.81 8.19 -4.63
N GLY A 17 -4.08 8.01 -5.91
CA GLY A 17 -4.71 9.07 -6.69
C GLY A 17 -3.87 10.33 -6.71
N GLU A 18 -2.59 10.17 -7.05
CA GLU A 18 -1.65 11.30 -7.11
C GLU A 18 -1.35 11.82 -5.71
N VAL A 19 -1.99 11.22 -4.71
CA VAL A 19 -1.80 11.61 -3.32
C VAL A 19 -0.69 10.79 -2.67
N LYS A 20 0.51 11.35 -2.60
CA LYS A 20 1.64 10.67 -2.01
C LYS A 20 1.50 10.58 -0.49
N GLY A 21 2.37 9.78 0.13
CA GLY A 21 2.33 9.62 1.57
C GLY A 21 3.43 8.71 2.08
N THR A 22 3.72 8.81 3.37
CA THR A 22 4.76 7.98 3.98
C THR A 22 4.14 6.82 4.75
N LEU A 23 4.43 5.60 4.30
CA LEU A 23 3.90 4.40 4.94
C LEU A 23 4.87 3.83 5.95
N TYR A 24 4.37 3.52 7.14
CA TYR A 24 5.20 2.95 8.21
C TYR A 24 5.11 1.42 8.19
N LYS A 25 6.25 0.78 7.97
CA LYS A 25 6.31 -0.68 7.92
C LYS A 25 5.99 -1.30 9.28
N GLU A 26 6.35 -0.59 10.35
CA GLU A 26 6.12 -1.07 11.71
C GLU A 26 4.64 -1.38 11.95
N ARG A 27 3.76 -0.81 11.12
CA ARG A 27 2.33 -1.03 11.27
C ARG A 27 1.73 -1.65 10.01
N PHE A 28 2.36 -1.41 8.87
CA PHE A 28 1.87 -1.95 7.60
C PHE A 28 1.92 -3.48 7.57
N LYS A 29 2.74 -4.07 8.43
CA LYS A 29 2.87 -5.52 8.47
C LYS A 29 1.52 -6.21 8.66
N GLN A 30 0.51 -5.44 9.07
CA GLN A 30 -0.82 -5.99 9.28
C GLN A 30 -1.73 -5.65 8.10
N GLY A 31 -1.35 -4.61 7.35
CA GLY A 31 -2.13 -4.18 6.20
C GLY A 31 -3.56 -3.80 6.54
N THR A 32 -3.97 -2.61 6.11
CA THR A 32 -5.31 -2.10 6.34
C THR A 32 -5.82 -2.39 7.75
N SER A 33 -4.90 -2.43 8.72
CA SER A 33 -5.26 -2.69 10.10
C SER A 33 -4.65 -1.65 11.04
N LYS A 34 -3.85 -0.75 10.46
CA LYS A 34 -3.22 0.31 11.24
C LYS A 34 -2.95 1.54 10.37
N LYS A 35 -2.88 2.70 11.01
CA LYS A 35 -2.62 3.95 10.30
C LYS A 35 -1.12 4.19 10.18
N CYS A 36 -0.56 3.88 9.00
CA CYS A 36 0.87 4.06 8.79
C CYS A 36 1.15 5.02 7.64
N ILE A 37 0.09 5.58 7.05
CA ILE A 37 0.25 6.53 5.94
C ILE A 37 0.08 7.96 6.41
N GLN A 38 1.15 8.75 6.29
CA GLN A 38 1.12 10.15 6.70
C GLN A 38 0.95 11.07 5.50
N SER A 39 -0.16 11.81 5.48
CA SER A 39 -0.44 12.74 4.39
C SER A 39 0.34 14.03 4.58
N GLU A 40 0.32 14.88 3.57
CA GLU A 40 1.03 16.16 3.60
C GLU A 40 0.56 17.02 4.78
N ASP A 41 -0.63 16.71 5.29
CA ASP A 41 -1.20 17.46 6.42
C ASP A 41 -0.74 16.86 7.74
N LYS A 42 0.34 16.07 7.69
CA LYS A 42 0.88 15.44 8.90
C LYS A 42 -0.21 14.65 9.62
N LYS A 43 -0.86 13.77 8.89
CA LYS A 43 -1.93 12.95 9.46
C LYS A 43 -1.80 11.50 9.00
N TRP A 44 -1.87 10.57 9.95
CA TRP A 44 -1.76 9.15 9.64
C TRP A 44 -3.15 8.53 9.47
N PHE A 45 -3.32 7.76 8.39
CA PHE A 45 -4.58 7.10 8.10
C PHE A 45 -4.35 5.63 7.75
N THR A 46 -5.44 4.90 7.56
CA THR A 46 -5.36 3.49 7.18
C THR A 46 -5.51 3.36 5.67
N PRO A 47 -5.01 2.26 5.07
CA PRO A 47 -5.10 2.05 3.62
C PRO A 47 -6.51 2.27 3.08
N ARG A 48 -7.49 2.31 3.98
CA ARG A 48 -8.87 2.53 3.59
C ARG A 48 -9.20 4.03 3.60
N GLU A 49 -8.87 4.70 4.70
CA GLU A 49 -9.14 6.13 4.83
C GLU A 49 -8.25 6.93 3.88
N PHE A 50 -7.12 6.35 3.51
CA PHE A 50 -6.18 7.01 2.60
C PHE A 50 -6.72 6.95 1.18
N GLU A 51 -7.32 5.81 0.84
CA GLU A 51 -7.91 5.62 -0.47
C GLU A 51 -9.07 6.60 -0.67
N ILE A 52 -9.76 6.89 0.43
CA ILE A 52 -10.89 7.81 0.41
C ILE A 52 -10.44 9.23 0.04
N GLU A 53 -9.29 9.64 0.55
CA GLU A 53 -8.77 10.97 0.27
C GLU A 53 -8.02 11.00 -1.06
N GLY A 54 -7.46 9.87 -1.45
CA GLY A 54 -6.73 9.79 -2.71
C GLY A 54 -7.65 9.81 -3.91
N ASP A 55 -8.58 8.87 -3.95
CA ASP A 55 -9.52 8.76 -5.06
C ASP A 55 -10.86 9.43 -4.70
N ARG A 56 -11.56 8.85 -3.73
CA ARG A 56 -12.85 9.38 -3.29
C ARG A 56 -13.43 8.54 -2.16
N GLY A 57 -13.25 7.22 -2.25
CA GLY A 57 -13.76 6.32 -1.24
C GLY A 57 -14.69 5.26 -1.80
N ALA A 58 -15.32 5.59 -2.92
CA ALA A 58 -16.24 4.65 -3.57
C ALA A 58 -15.48 3.54 -4.28
N SER A 59 -14.17 3.74 -4.45
CA SER A 59 -13.32 2.76 -5.11
C SER A 59 -13.35 1.42 -4.38
N LYS A 60 -13.41 1.50 -3.04
CA LYS A 60 -13.44 0.31 -2.20
C LYS A 60 -12.08 -0.40 -2.21
N ASN A 61 -11.74 -1.03 -3.34
CA ASN A 61 -10.48 -1.73 -3.48
C ASN A 61 -9.30 -0.81 -3.17
N TRP A 62 -8.82 -0.86 -1.93
CA TRP A 62 -7.70 -0.03 -1.50
C TRP A 62 -6.38 -0.59 -2.02
N LYS A 63 -6.38 -1.88 -2.35
CA LYS A 63 -5.17 -2.54 -2.85
C LYS A 63 -4.94 -2.19 -4.32
N LEU A 64 -5.98 -1.69 -4.98
CA LEU A 64 -5.88 -1.33 -6.39
C LEU A 64 -5.91 0.18 -6.60
N SER A 65 -6.52 0.89 -5.65
CA SER A 65 -6.63 2.34 -5.75
C SER A 65 -5.35 3.02 -5.27
N ILE A 66 -4.62 2.38 -4.37
CA ILE A 66 -3.38 2.94 -3.84
C ILE A 66 -2.15 2.23 -4.40
N ARG A 67 -1.08 2.99 -4.60
CA ARG A 67 0.17 2.44 -5.12
C ARG A 67 1.28 2.58 -4.08
N CYS A 68 2.38 1.87 -4.31
CA CYS A 68 3.52 1.91 -3.40
C CYS A 68 4.82 1.88 -4.18
N GLY A 69 5.41 3.05 -4.38
CA GLY A 69 6.65 3.13 -5.13
C GLY A 69 6.44 3.00 -6.62
N GLY A 70 5.46 2.18 -7.00
CA GLY A 70 5.16 1.98 -8.41
C GLY A 70 3.98 1.05 -8.61
N TYR A 71 3.99 -0.08 -7.90
CA TYR A 71 2.91 -1.06 -8.00
C TYR A 71 1.96 -0.95 -6.81
N THR A 72 0.67 -1.15 -7.07
CA THR A 72 -0.33 -1.08 -6.02
C THR A 72 -0.15 -2.22 -5.01
N LEU A 73 -0.90 -2.17 -3.91
CA LEU A 73 -0.80 -3.19 -2.88
C LEU A 73 -1.25 -4.54 -3.43
N LYS A 74 -2.13 -4.50 -4.42
CA LYS A 74 -2.63 -5.71 -5.05
C LYS A 74 -1.47 -6.50 -5.65
N VAL A 75 -0.60 -5.78 -6.33
CA VAL A 75 0.56 -6.38 -6.97
C VAL A 75 1.68 -6.58 -5.95
N LEU A 76 1.79 -5.65 -5.01
CA LEU A 76 2.82 -5.73 -3.97
C LEU A 76 2.58 -6.93 -3.07
N MET A 77 1.31 -7.28 -2.91
CA MET A 77 0.94 -8.43 -2.10
C MET A 77 1.01 -9.69 -2.95
N GLU A 78 1.15 -9.50 -4.26
CA GLU A 78 1.24 -10.59 -5.20
C GLU A 78 2.69 -10.93 -5.49
N ASN A 79 3.57 -9.95 -5.30
CA ASN A 79 5.00 -10.15 -5.53
C ASN A 79 5.63 -10.87 -4.34
N LYS A 80 5.82 -10.13 -3.24
CA LYS A 80 6.43 -10.70 -2.04
C LYS A 80 6.58 -9.63 -0.95
N PHE A 81 6.62 -8.37 -1.36
CA PHE A 81 6.78 -7.25 -0.43
C PHE A 81 5.88 -7.41 0.79
N LEU A 82 4.62 -7.75 0.55
CA LEU A 82 3.66 -7.94 1.63
C LEU A 82 3.29 -9.41 1.76
N PRO A 83 3.21 -9.94 3.00
CA PRO A 83 2.87 -11.34 3.26
C PRO A 83 1.61 -11.76 2.50
N GLU A 84 0.44 -11.46 3.08
CA GLU A 84 -0.84 -11.79 2.47
C GLU A 84 -0.82 -13.19 1.83
N PRO A 85 -1.15 -14.23 2.61
CA PRO A 85 -1.15 -15.62 2.12
C PRO A 85 -1.82 -15.77 0.74
N PRO A 86 -3.02 -15.20 0.52
CA PRO A 86 -3.71 -15.30 -0.77
C PRO A 86 -3.10 -14.38 -1.82
N SER A 87 -2.47 -14.96 -2.83
CA SER A 87 -1.84 -14.19 -3.90
C SER A 87 -1.56 -15.06 -5.12
N THR A 88 -2.58 -15.29 -5.94
CA THR A 88 -2.44 -16.11 -7.14
C THR A 88 -3.47 -15.73 -8.19
N ARG A 89 -4.75 -15.86 -7.83
CA ARG A 89 -5.84 -15.52 -8.74
C ARG A 89 -5.74 -16.33 -10.03
N LYS A 90 -6.42 -15.87 -11.07
CA LYS A 90 -6.41 -16.55 -12.36
C LYS A 90 -6.43 -15.55 -13.50
N LYS A 91 -7.49 -14.75 -13.57
CA LYS A 91 -7.63 -13.75 -14.62
C LYS A 91 -8.13 -12.42 -14.06
N VAL A 92 -7.33 -11.37 -14.23
CA VAL A 92 -7.69 -10.05 -13.73
C VAL A 92 -7.22 -8.97 -14.71
N THR A 93 -7.84 -7.79 -14.62
CA THR A 93 -7.50 -6.68 -15.49
C THR A 93 -6.06 -6.21 -15.23
N ILE A 94 -5.47 -5.54 -16.22
CA ILE A 94 -4.12 -5.03 -16.09
C ILE A 94 -4.11 -3.55 -15.73
N LYS A 95 -3.66 -3.24 -14.52
CA LYS A 95 -3.59 -1.86 -14.06
C LYS A 95 -2.55 -1.06 -14.84
N MET A 1 17.07 -9.72 -2.82
CA MET A 1 16.91 -8.39 -3.46
C MET A 1 15.49 -8.19 -3.98
N ASP A 2 15.03 -6.94 -3.96
CA ASP A 2 13.69 -6.62 -4.41
C ASP A 2 13.65 -6.52 -5.94
N GLU A 3 12.61 -5.89 -6.47
CA GLU A 3 12.45 -5.74 -7.91
C GLU A 3 12.56 -4.27 -8.30
N ASN A 4 11.57 -3.49 -7.91
CA ASN A 4 11.55 -2.06 -8.21
C ASN A 4 11.52 -1.25 -6.92
N ILE A 5 10.66 -1.66 -6.00
CA ILE A 5 10.53 -0.97 -4.72
C ILE A 5 10.88 -1.89 -3.55
N ASN A 6 11.76 -1.41 -2.67
CA ASN A 6 12.18 -2.20 -1.51
C ASN A 6 11.11 -2.14 -0.42
N PHE A 7 11.47 -2.59 0.78
CA PHE A 7 10.55 -2.60 1.91
C PHE A 7 11.31 -2.52 3.23
N LYS A 8 12.64 -2.48 3.16
CA LYS A 8 13.47 -2.40 4.36
C LYS A 8 13.90 -0.96 4.65
N GLN A 9 13.44 -0.03 3.83
CA GLN A 9 13.79 1.38 4.00
C GLN A 9 13.02 2.01 5.17
N SER A 10 12.23 1.18 5.87
CA SER A 10 11.45 1.63 7.01
C SER A 10 10.26 2.51 6.59
N GLU A 11 10.40 3.20 5.46
CA GLU A 11 9.34 4.05 4.95
C GLU A 11 9.01 3.72 3.50
N LEU A 12 7.84 3.16 3.29
CA LEU A 12 7.40 2.78 1.95
C LEU A 12 6.61 3.90 1.29
N PRO A 13 7.06 4.39 0.12
CA PRO A 13 6.38 5.48 -0.60
C PRO A 13 5.07 5.01 -1.22
N VAL A 14 3.97 5.63 -0.80
CA VAL A 14 2.65 5.30 -1.32
C VAL A 14 2.06 6.47 -2.09
N THR A 15 1.19 6.16 -3.05
CA THR A 15 0.57 7.20 -3.86
C THR A 15 -0.88 6.83 -4.20
N CYS A 16 -1.82 7.43 -3.49
CA CYS A 16 -3.23 7.17 -3.74
C CYS A 16 -3.85 8.35 -4.49
N GLY A 17 -4.04 8.19 -5.79
CA GLY A 17 -4.61 9.26 -6.58
C GLY A 17 -3.75 10.51 -6.54
N GLU A 18 -2.44 10.32 -6.72
CA GLU A 18 -1.47 11.41 -6.68
C GLU A 18 -1.26 11.89 -5.25
N VAL A 19 -2.01 11.30 -4.33
CA VAL A 19 -1.91 11.66 -2.92
C VAL A 19 -0.79 10.85 -2.25
N LYS A 20 0.44 11.28 -2.49
CA LYS A 20 1.61 10.60 -1.91
C LYS A 20 1.50 10.51 -0.39
N GLY A 21 2.37 9.68 0.20
CA GLY A 21 2.37 9.51 1.65
C GLY A 21 3.45 8.55 2.10
N THR A 22 3.86 8.66 3.36
CA THR A 22 4.91 7.81 3.91
C THR A 22 4.31 6.65 4.70
N LEU A 23 4.59 5.43 4.25
CA LEU A 23 4.08 4.23 4.91
C LEU A 23 5.06 3.72 5.96
N TYR A 24 4.55 3.49 7.17
CA TYR A 24 5.38 3.01 8.27
C TYR A 24 5.31 1.48 8.35
N LYS A 25 6.49 0.85 8.39
CA LYS A 25 6.58 -0.61 8.45
C LYS A 25 6.05 -1.13 9.78
N GLU A 26 6.27 -0.38 10.86
CA GLU A 26 5.82 -0.79 12.19
C GLU A 26 4.32 -1.06 12.21
N ARG A 27 3.61 -0.52 11.23
CA ARG A 27 2.17 -0.72 11.13
C ARG A 27 1.82 -1.48 9.87
N PHE A 28 2.70 -1.42 8.88
CA PHE A 28 2.49 -2.11 7.61
C PHE A 28 2.30 -3.60 7.82
N LYS A 29 2.84 -4.13 8.91
CA LYS A 29 2.73 -5.55 9.24
C LYS A 29 1.26 -5.95 9.36
N GLN A 30 0.38 -4.97 9.47
CA GLN A 30 -1.06 -5.23 9.59
C GLN A 30 -1.81 -4.71 8.36
N GLY A 31 -1.14 -3.85 7.59
CA GLY A 31 -1.75 -3.28 6.40
C GLY A 31 -2.99 -2.47 6.70
N THR A 32 -4.09 -2.82 6.04
CA THR A 32 -5.36 -2.10 6.22
C THR A 32 -5.86 -2.18 7.65
N SER A 33 -5.24 -3.01 8.47
CA SER A 33 -5.66 -3.17 9.86
C SER A 33 -4.91 -2.18 10.77
N LYS A 34 -4.06 -1.35 10.19
CA LYS A 34 -3.30 -0.37 10.94
C LYS A 34 -2.83 0.77 10.05
N LYS A 35 -3.11 2.00 10.48
CA LYS A 35 -2.70 3.17 9.71
C LYS A 35 -1.19 3.35 9.75
N CYS A 36 -0.61 3.74 8.62
CA CYS A 36 0.84 3.94 8.54
C CYS A 36 1.20 4.95 7.45
N ILE A 37 0.18 5.53 6.81
CA ILE A 37 0.41 6.50 5.76
C ILE A 37 0.37 7.93 6.31
N GLN A 38 1.52 8.59 6.30
CA GLN A 38 1.61 9.96 6.78
C GLN A 38 1.45 10.94 5.63
N SER A 39 0.38 11.71 5.64
CA SER A 39 0.10 12.68 4.59
C SER A 39 -0.15 14.06 5.17
N GLU A 40 -0.15 15.05 4.30
CA GLU A 40 -0.39 16.45 4.67
C GLU A 40 0.80 17.05 5.41
N ASP A 41 1.23 16.41 6.49
CA ASP A 41 2.37 16.89 7.28
C ASP A 41 2.56 16.05 8.54
N LYS A 42 1.47 15.41 9.01
CA LYS A 42 1.54 14.59 10.21
C LYS A 42 0.23 13.84 10.44
N LYS A 43 -0.59 13.73 9.41
CA LYS A 43 -1.87 13.03 9.52
C LYS A 43 -1.76 11.62 8.94
N TRP A 44 -1.86 10.62 9.82
CA TRP A 44 -1.75 9.22 9.40
C TRP A 44 -3.13 8.66 9.05
N PHE A 45 -3.18 7.92 7.94
CA PHE A 45 -4.43 7.32 7.48
C PHE A 45 -4.24 5.84 7.17
N THR A 46 -5.33 5.10 7.12
CA THR A 46 -5.29 3.68 6.82
C THR A 46 -5.50 3.46 5.32
N PRO A 47 -5.05 2.33 4.76
CA PRO A 47 -5.20 2.04 3.33
C PRO A 47 -6.63 2.31 2.83
N ARG A 48 -7.59 2.32 3.76
CA ARG A 48 -8.99 2.56 3.41
C ARG A 48 -9.32 4.05 3.49
N GLU A 49 -8.97 4.69 4.60
CA GLU A 49 -9.24 6.10 4.79
C GLU A 49 -8.44 6.94 3.80
N PHE A 50 -7.34 6.36 3.32
CA PHE A 50 -6.48 7.04 2.36
C PHE A 50 -7.07 6.96 0.97
N GLU A 51 -7.72 5.83 0.67
CA GLU A 51 -8.36 5.64 -0.62
C GLU A 51 -9.50 6.63 -0.80
N ILE A 52 -10.18 6.92 0.31
CA ILE A 52 -11.30 7.85 0.29
C ILE A 52 -10.83 9.26 -0.09
N GLU A 53 -9.66 9.65 0.43
CA GLU A 53 -9.11 10.97 0.16
C GLU A 53 -8.32 11.00 -1.15
N GLY A 54 -7.76 9.84 -1.52
CA GLY A 54 -6.98 9.74 -2.75
C GLY A 54 -7.82 9.35 -3.95
N ASP A 55 -9.12 9.13 -3.72
CA ASP A 55 -10.02 8.75 -4.80
C ASP A 55 -11.42 9.32 -4.58
N ARG A 56 -12.17 8.69 -3.69
CA ARG A 56 -13.54 9.15 -3.39
C ARG A 56 -14.12 8.39 -2.20
N GLY A 57 -13.99 7.07 -2.23
CA GLY A 57 -14.53 6.25 -1.16
C GLY A 57 -15.28 5.05 -1.68
N ALA A 58 -15.82 5.19 -2.89
CA ALA A 58 -16.57 4.10 -3.52
C ALA A 58 -15.64 2.98 -3.95
N SER A 59 -14.35 3.30 -4.02
CA SER A 59 -13.34 2.31 -4.42
C SER A 59 -13.01 1.37 -3.28
N LYS A 60 -13.82 0.33 -3.11
CA LYS A 60 -13.62 -0.64 -2.04
C LYS A 60 -12.23 -1.27 -2.13
N ASN A 61 -11.70 -1.36 -3.35
CA ASN A 61 -10.38 -1.94 -3.58
C ASN A 61 -9.29 -0.95 -3.16
N TRP A 62 -9.02 -0.90 -1.86
CA TRP A 62 -8.00 0.00 -1.33
C TRP A 62 -6.60 -0.45 -1.76
N LYS A 63 -6.47 -1.73 -2.10
CA LYS A 63 -5.18 -2.27 -2.53
C LYS A 63 -4.89 -1.90 -3.97
N LEU A 64 -5.92 -1.51 -4.70
CA LEU A 64 -5.78 -1.13 -6.10
C LEU A 64 -5.83 0.38 -6.26
N SER A 65 -6.53 1.05 -5.35
CA SER A 65 -6.66 2.50 -5.39
C SER A 65 -5.35 3.19 -5.01
N ILE A 66 -4.57 2.55 -4.16
CA ILE A 66 -3.30 3.13 -3.72
C ILE A 66 -2.12 2.39 -4.34
N ARG A 67 -1.11 3.15 -4.75
CA ARG A 67 0.09 2.58 -5.36
C ARG A 67 1.28 2.69 -4.40
N CYS A 68 2.36 2.00 -4.72
CA CYS A 68 3.56 2.04 -3.88
C CYS A 68 4.82 2.10 -4.73
N GLY A 69 5.33 3.32 -4.92
CA GLY A 69 6.54 3.51 -5.70
C GLY A 69 6.45 2.88 -7.08
N GLY A 70 5.24 2.49 -7.48
CA GLY A 70 5.04 1.87 -8.77
C GLY A 70 3.89 0.87 -8.76
N TYR A 71 4.04 -0.19 -7.98
CA TYR A 71 3.01 -1.22 -7.89
C TYR A 71 2.11 -0.98 -6.68
N THR A 72 0.81 -1.19 -6.86
CA THR A 72 -0.16 -1.01 -5.79
C THR A 72 -0.02 -2.10 -4.73
N LEU A 73 -0.73 -1.96 -3.63
CA LEU A 73 -0.67 -2.95 -2.56
C LEU A 73 -1.11 -4.31 -3.08
N LYS A 74 -2.01 -4.30 -4.06
CA LYS A 74 -2.50 -5.54 -4.65
C LYS A 74 -1.34 -6.33 -5.24
N VAL A 75 -0.41 -5.62 -5.86
CA VAL A 75 0.77 -6.23 -6.46
C VAL A 75 1.85 -6.46 -5.42
N LEU A 76 1.96 -5.53 -4.47
CA LEU A 76 2.96 -5.63 -3.42
C LEU A 76 2.70 -6.86 -2.56
N MET A 77 1.43 -7.24 -2.46
CA MET A 77 1.06 -8.42 -1.68
C MET A 77 1.11 -9.66 -2.56
N GLU A 78 1.20 -9.42 -3.87
CA GLU A 78 1.26 -10.49 -4.84
C GLU A 78 2.71 -10.86 -5.16
N ASN A 79 3.62 -9.92 -4.91
CA ASN A 79 5.03 -10.14 -5.17
C ASN A 79 5.71 -10.85 -4.00
N LYS A 80 6.00 -10.09 -2.95
CA LYS A 80 6.65 -10.64 -1.76
C LYS A 80 7.04 -9.54 -0.77
N PHE A 81 6.23 -8.49 -0.72
CA PHE A 81 6.51 -7.37 0.20
C PHE A 81 5.45 -7.28 1.29
N LEU A 82 4.32 -7.92 1.06
CA LEU A 82 3.23 -7.91 2.04
C LEU A 82 3.05 -9.28 2.68
N PRO A 83 2.88 -9.33 4.01
CA PRO A 83 2.70 -10.58 4.75
C PRO A 83 1.46 -11.34 4.29
N GLU A 84 0.55 -10.65 3.60
CA GLU A 84 -0.69 -11.24 3.11
C GLU A 84 -0.40 -12.51 2.30
N PRO A 85 -0.68 -13.70 2.86
CA PRO A 85 -0.44 -14.98 2.18
C PRO A 85 -1.16 -15.10 0.82
N PRO A 86 -2.48 -14.81 0.74
CA PRO A 86 -3.23 -14.92 -0.52
C PRO A 86 -3.00 -13.74 -1.45
N SER A 87 -2.61 -14.06 -2.69
CA SER A 87 -2.35 -13.04 -3.71
C SER A 87 -1.98 -13.68 -5.03
N THR A 88 -2.97 -13.86 -5.89
CA THR A 88 -2.75 -14.47 -7.20
C THR A 88 -3.89 -14.14 -8.15
N ARG A 89 -5.09 -14.56 -7.79
CA ARG A 89 -6.27 -14.31 -8.61
C ARG A 89 -6.08 -14.83 -10.03
N LYS A 90 -5.41 -15.97 -10.15
CA LYS A 90 -5.14 -16.59 -11.45
C LYS A 90 -4.37 -15.62 -12.34
N LYS A 91 -4.57 -15.75 -13.66
CA LYS A 91 -3.89 -14.88 -14.61
C LYS A 91 -4.75 -13.68 -14.97
N VAL A 92 -4.73 -12.66 -14.11
CA VAL A 92 -5.49 -11.45 -14.33
C VAL A 92 -4.62 -10.21 -14.17
N THR A 93 -3.79 -10.22 -13.13
CA THR A 93 -2.89 -9.10 -12.86
C THR A 93 -1.70 -9.12 -13.81
N ILE A 94 -1.67 -8.17 -14.74
CA ILE A 94 -0.58 -8.08 -15.70
C ILE A 94 0.52 -7.15 -15.21
N LYS A 95 0.18 -5.88 -15.03
CA LYS A 95 1.14 -4.89 -14.56
C LYS A 95 0.66 -4.24 -13.26
N MET A 1 15.66 -10.40 -2.24
CA MET A 1 15.34 -10.43 -3.69
C MET A 1 14.77 -9.09 -4.16
N ASP A 2 13.53 -8.80 -3.75
CA ASP A 2 12.86 -7.57 -4.12
C ASP A 2 12.75 -7.44 -5.64
N GLU A 3 12.05 -6.39 -6.10
CA GLU A 3 11.87 -6.18 -7.53
C GLU A 3 12.23 -4.74 -7.91
N ASN A 4 11.90 -3.80 -7.03
CA ASN A 4 12.19 -2.39 -7.28
C ASN A 4 12.05 -1.57 -6.00
N ILE A 5 10.93 -1.76 -5.30
CA ILE A 5 10.67 -1.03 -4.06
C ILE A 5 11.10 -1.84 -2.85
N ASN A 6 12.28 -1.51 -2.30
CA ASN A 6 12.80 -2.21 -1.14
C ASN A 6 11.86 -2.05 0.05
N PHE A 7 11.19 -3.13 0.43
CA PHE A 7 10.25 -3.12 1.54
C PHE A 7 10.98 -3.33 2.87
N LYS A 8 12.29 -3.52 2.81
CA LYS A 8 13.09 -3.73 4.01
C LYS A 8 13.36 -2.41 4.73
N GLN A 9 12.82 -1.32 4.19
CA GLN A 9 13.01 0.00 4.79
C GLN A 9 11.93 0.27 5.84
N SER A 10 12.26 1.14 6.80
CA SER A 10 11.32 1.49 7.86
C SER A 10 10.18 2.34 7.34
N GLU A 11 10.36 2.91 6.14
CA GLU A 11 9.34 3.75 5.54
C GLU A 11 9.21 3.47 4.05
N LEU A 12 8.02 3.03 3.63
CA LEU A 12 7.75 2.74 2.23
C LEU A 12 6.89 3.83 1.61
N PRO A 13 7.24 4.29 0.39
CA PRO A 13 6.48 5.33 -0.30
C PRO A 13 5.17 4.82 -0.90
N VAL A 14 4.12 5.64 -0.78
CA VAL A 14 2.81 5.27 -1.31
C VAL A 14 2.19 6.45 -2.06
N THR A 15 1.34 6.14 -3.03
CA THR A 15 0.68 7.16 -3.83
C THR A 15 -0.74 6.76 -4.20
N CYS A 16 -1.71 7.36 -3.53
CA CYS A 16 -3.12 7.06 -3.81
C CYS A 16 -3.78 8.21 -4.56
N GLY A 17 -3.97 8.03 -5.86
CA GLY A 17 -4.59 9.07 -6.67
C GLY A 17 -3.85 10.38 -6.60
N GLU A 18 -2.57 10.35 -6.98
CA GLU A 18 -1.72 11.55 -6.95
C GLU A 18 -1.47 12.01 -5.51
N VAL A 19 -2.07 11.32 -4.56
CA VAL A 19 -1.91 11.65 -3.14
C VAL A 19 -0.80 10.82 -2.51
N LYS A 20 0.40 11.37 -2.47
CA LYS A 20 1.55 10.66 -1.91
C LYS A 20 1.54 10.69 -0.39
N GLY A 21 2.24 9.73 0.20
CA GLY A 21 2.32 9.63 1.65
C GLY A 21 3.43 8.70 2.08
N THR A 22 3.80 8.76 3.36
CA THR A 22 4.86 7.91 3.88
C THR A 22 4.28 6.77 4.71
N LEU A 23 4.52 5.54 4.27
CA LEU A 23 4.03 4.36 4.96
C LEU A 23 5.04 3.87 5.99
N TYR A 24 4.56 3.67 7.22
CA TYR A 24 5.42 3.21 8.30
C TYR A 24 5.39 1.68 8.39
N LYS A 25 6.57 1.07 8.33
CA LYS A 25 6.68 -0.39 8.39
C LYS A 25 6.27 -0.93 9.75
N GLU A 26 6.55 -0.15 10.80
CA GLU A 26 6.22 -0.55 12.17
C GLU A 26 4.74 -0.87 12.30
N ARG A 27 3.93 -0.37 11.37
CA ARG A 27 2.49 -0.60 11.39
C ARG A 27 2.06 -1.39 10.15
N PHE A 28 2.84 -1.27 9.08
CA PHE A 28 2.56 -1.97 7.83
C PHE A 28 2.44 -3.47 8.05
N LYS A 29 3.03 -3.95 9.14
CA LYS A 29 3.01 -5.37 9.48
C LYS A 29 1.58 -5.92 9.49
N GLN A 30 0.60 -5.02 9.51
CA GLN A 30 -0.80 -5.42 9.53
C GLN A 30 -1.52 -4.92 8.29
N GLY A 31 -0.89 -3.99 7.58
CA GLY A 31 -1.49 -3.43 6.37
C GLY A 31 -2.73 -2.61 6.65
N THR A 32 -3.86 -3.06 6.13
CA THR A 32 -5.13 -2.36 6.32
C THR A 32 -5.70 -2.55 7.74
N SER A 33 -4.82 -2.53 8.74
CA SER A 33 -5.24 -2.69 10.11
C SER A 33 -4.51 -1.70 11.03
N LYS A 34 -3.66 -0.86 10.44
CA LYS A 34 -2.91 0.13 11.19
C LYS A 34 -2.57 1.34 10.32
N LYS A 35 -2.90 2.54 10.81
CA LYS A 35 -2.64 3.77 10.07
C LYS A 35 -1.14 4.08 10.06
N CYS A 36 -0.50 3.85 8.92
CA CYS A 36 0.93 4.11 8.80
C CYS A 36 1.22 5.07 7.65
N ILE A 37 0.17 5.55 7.00
CA ILE A 37 0.32 6.48 5.89
C ILE A 37 0.17 7.93 6.35
N GLN A 38 1.28 8.66 6.37
CA GLN A 38 1.27 10.05 6.79
C GLN A 38 1.14 10.98 5.59
N SER A 39 0.06 11.74 5.56
CA SER A 39 -0.20 12.67 4.47
C SER A 39 -0.71 14.01 5.02
N GLU A 40 -0.81 15.00 4.12
CA GLU A 40 -1.28 16.34 4.48
C GLU A 40 -0.22 17.13 5.24
N ASP A 41 0.28 16.58 6.35
CA ASP A 41 1.32 17.23 7.14
C ASP A 41 1.65 16.44 8.40
N LYS A 42 0.70 15.64 8.87
CA LYS A 42 0.90 14.82 10.08
C LYS A 42 -0.31 13.93 10.36
N LYS A 43 -1.16 13.73 9.37
CA LYS A 43 -2.35 12.91 9.53
C LYS A 43 -2.13 11.51 8.96
N TRP A 44 -2.23 10.50 9.83
CA TRP A 44 -2.04 9.12 9.42
C TRP A 44 -3.36 8.41 9.16
N PHE A 45 -3.44 7.66 8.07
CA PHE A 45 -4.64 6.92 7.73
C PHE A 45 -4.31 5.48 7.35
N THR A 46 -5.34 4.67 7.20
CA THR A 46 -5.18 3.27 6.81
C THR A 46 -5.46 3.12 5.32
N PRO A 47 -5.07 2.00 4.70
CA PRO A 47 -5.30 1.76 3.26
C PRO A 47 -6.73 2.11 2.84
N ARG A 48 -7.63 2.19 3.81
CA ARG A 48 -9.02 2.53 3.54
C ARG A 48 -9.24 4.05 3.58
N GLU A 49 -9.01 4.65 4.74
CA GLU A 49 -9.18 6.09 4.92
C GLU A 49 -8.29 6.88 3.95
N PHE A 50 -7.21 6.24 3.51
CA PHE A 50 -6.27 6.86 2.58
C PHE A 50 -6.83 6.81 1.17
N GLU A 51 -7.45 5.68 0.84
CA GLU A 51 -8.03 5.50 -0.48
C GLU A 51 -9.09 6.57 -0.73
N ILE A 52 -9.77 6.95 0.35
CA ILE A 52 -10.81 7.97 0.28
C ILE A 52 -10.21 9.33 -0.09
N GLU A 53 -9.06 9.65 0.48
CA GLU A 53 -8.39 10.91 0.22
C GLU A 53 -7.88 10.98 -1.23
N GLY A 54 -7.59 9.81 -1.79
CA GLY A 54 -7.09 9.76 -3.15
C GLY A 54 -8.20 9.53 -4.16
N ASP A 55 -9.40 9.23 -3.68
CA ASP A 55 -10.55 8.99 -4.54
C ASP A 55 -11.81 9.57 -3.93
N ARG A 56 -12.38 8.86 -2.97
CA ARG A 56 -13.60 9.30 -2.30
C ARG A 56 -14.10 8.25 -1.30
N GLY A 57 -14.07 6.99 -1.73
CA GLY A 57 -14.51 5.91 -0.88
C GLY A 57 -15.25 4.84 -1.66
N ALA A 58 -15.84 5.24 -2.78
CA ALA A 58 -16.57 4.32 -3.64
C ALA A 58 -15.60 3.40 -4.37
N SER A 59 -14.32 3.74 -4.33
CA SER A 59 -13.29 2.94 -4.99
C SER A 59 -13.35 1.49 -4.52
N LYS A 60 -13.77 1.29 -3.28
CA LYS A 60 -13.88 -0.03 -2.69
C LYS A 60 -12.53 -0.73 -2.59
N ASN A 61 -12.06 -1.29 -3.70
CA ASN A 61 -10.78 -1.98 -3.72
C ASN A 61 -9.63 -1.00 -3.50
N TRP A 62 -9.19 -0.88 -2.26
CA TRP A 62 -8.09 0.02 -1.91
C TRP A 62 -6.76 -0.54 -2.43
N LYS A 63 -6.74 -1.84 -2.66
CA LYS A 63 -5.53 -2.52 -3.15
C LYS A 63 -5.16 -2.04 -4.55
N LEU A 64 -6.12 -1.40 -5.23
CA LEU A 64 -5.88 -0.90 -6.58
C LEU A 64 -5.91 0.63 -6.62
N SER A 65 -6.60 1.24 -5.66
CA SER A 65 -6.72 2.69 -5.59
C SER A 65 -5.41 3.33 -5.11
N ILE A 66 -4.66 2.59 -4.29
CA ILE A 66 -3.39 3.11 -3.76
C ILE A 66 -2.20 2.37 -4.35
N ARG A 67 -1.12 3.11 -4.59
CA ARG A 67 0.10 2.52 -5.14
C ARG A 67 1.23 2.57 -4.12
N CYS A 68 2.29 1.82 -4.37
CA CYS A 68 3.43 1.78 -3.46
C CYS A 68 4.74 1.78 -4.23
N GLY A 69 5.35 2.96 -4.36
CA GLY A 69 6.61 3.08 -5.06
C GLY A 69 6.50 2.74 -6.53
N GLY A 70 5.33 2.27 -6.95
CA GLY A 70 5.10 1.90 -8.33
C GLY A 70 3.91 0.99 -8.50
N TYR A 71 3.95 -0.16 -7.85
CA TYR A 71 2.84 -1.12 -7.93
C TYR A 71 1.92 -0.98 -6.73
N THR A 72 0.62 -1.10 -6.98
CA THR A 72 -0.38 -1.00 -5.91
C THR A 72 -0.30 -2.19 -4.98
N LEU A 73 -0.96 -2.09 -3.82
CA LEU A 73 -0.95 -3.19 -2.86
C LEU A 73 -1.43 -4.48 -3.50
N LYS A 74 -2.25 -4.34 -4.54
CA LYS A 74 -2.77 -5.50 -5.27
C LYS A 74 -1.64 -6.36 -5.78
N VAL A 75 -0.72 -5.74 -6.52
CA VAL A 75 0.43 -6.43 -7.08
C VAL A 75 1.50 -6.64 -6.01
N LEU A 76 1.64 -5.65 -5.13
CA LEU A 76 2.63 -5.71 -4.05
C LEU A 76 2.32 -6.86 -3.10
N MET A 77 1.05 -7.20 -2.99
CA MET A 77 0.64 -8.30 -2.11
C MET A 77 0.75 -9.62 -2.85
N GLU A 78 0.90 -9.53 -4.17
CA GLU A 78 1.02 -10.71 -5.02
C GLU A 78 2.50 -11.01 -5.27
N ASN A 79 3.35 -10.00 -5.11
CA ASN A 79 4.78 -10.16 -5.32
C ASN A 79 5.44 -10.83 -4.12
N LYS A 80 5.61 -10.05 -3.05
CA LYS A 80 6.24 -10.56 -1.81
C LYS A 80 6.52 -9.41 -0.84
N PHE A 81 6.55 -8.18 -1.37
CA PHE A 81 6.83 -7.00 -0.57
C PHE A 81 6.00 -6.97 0.73
N LEU A 82 4.72 -7.29 0.62
CA LEU A 82 3.85 -7.30 1.79
C LEU A 82 4.01 -8.57 2.61
N PRO A 83 3.65 -8.53 3.91
CA PRO A 83 3.78 -9.70 4.80
C PRO A 83 2.82 -10.83 4.45
N GLU A 84 1.62 -10.48 4.01
CA GLU A 84 0.61 -11.48 3.64
C GLU A 84 1.18 -12.47 2.62
N PRO A 85 0.57 -13.67 2.51
CA PRO A 85 1.02 -14.70 1.57
C PRO A 85 1.35 -14.13 0.19
N PRO A 86 2.58 -14.37 -0.30
CA PRO A 86 3.02 -13.87 -1.61
C PRO A 86 2.26 -14.50 -2.76
N SER A 87 1.38 -15.45 -2.44
CA SER A 87 0.58 -16.14 -3.45
C SER A 87 1.46 -16.93 -4.42
N THR A 88 1.99 -16.24 -5.43
CA THR A 88 2.85 -16.89 -6.42
C THR A 88 2.08 -17.95 -7.21
N ARG A 89 1.60 -17.58 -8.39
CA ARG A 89 0.86 -18.49 -9.24
C ARG A 89 1.64 -18.83 -10.50
N LYS A 90 1.50 -17.99 -11.53
CA LYS A 90 2.19 -18.21 -12.79
C LYS A 90 2.14 -16.96 -13.67
N LYS A 91 0.94 -16.64 -14.16
CA LYS A 91 0.75 -15.48 -15.02
C LYS A 91 -0.36 -14.57 -14.48
N VAL A 92 -0.03 -13.30 -14.31
CA VAL A 92 -0.99 -12.32 -13.80
C VAL A 92 -2.23 -12.26 -14.70
N THR A 93 -3.36 -11.88 -14.10
CA THR A 93 -4.62 -11.80 -14.85
C THR A 93 -5.26 -10.43 -14.71
N ILE A 94 -5.54 -9.79 -15.85
CA ILE A 94 -6.16 -8.47 -15.90
C ILE A 94 -5.61 -7.53 -14.81
N LYS A 95 -4.31 -7.67 -14.52
CA LYS A 95 -3.66 -6.82 -13.52
C LYS A 95 -4.37 -6.93 -12.17
#